data_3VSD
#
_entry.id   3VSD
#
_cell.length_a   75.646
_cell.length_b   75.646
_cell.length_c   275.784
_cell.angle_alpha   90.000
_cell.angle_beta   90.000
_cell.angle_gamma   90.000
#
_symmetry.space_group_name_H-M   'P 43 21 2'
#
loop_
_entity.id
_entity.type
_entity.pdbx_description
1 polymer 'Protein CysO'
2 non-polymer "PYRIDOXAL-5'-PHOSPHATE"
3 non-polymer O-ACETYLSERINE
4 non-polymer (4S)-2-METHYL-2,4-PENTANEDIOL
5 water water
#
_entity_poly.entity_id   1
_entity_poly.type   'polypeptide(L)'
_entity_poly.pdbx_seq_one_letter_code
;MALADISGYLDVLDSVRGFSYLENAREVLRSGEARCLGNPRSEPEYVKALYVIGASRIPVGDGCSHTLEELGVFDISVPG
EMVFPSPLDFFERGKPTPLVRSRLQLPNGVRVWLKLEWYNPFSLSVADRPAVEIISRLSRRVEKGSLVADATSSNFGVAL
SAVARLYGYRARVYLPGAAEEFGKLLPRLLGAQVIVDPEAPSTVHLLPRVMKDSKNEGFVHVNQFYNDANFEAHMRGTAR
EIFVQSRRGGLALRGVAGSLGTSGHMSAAAFYLQSVDPSIRAVLVQPAQGDSIPGIRRVETGMLWINMLDISYTLAEVTL
EEAMEAVVEVARSDGLVIGPSGGAAVKALAKKAAEGDLEPGDYVVVVPDTGFKYLSLVQNALEGAGDSV
;
_entity_poly.pdbx_strand_id   A,B
#
loop_
_chem_comp.id
_chem_comp.type
_chem_comp.name
_chem_comp.formula
MPD non-polymer (4S)-2-METHYL-2,4-PENTANEDIOL 'C6 H14 O2'
PLP non-polymer PYRIDOXAL-5'-PHOSPHATE 'C8 H10 N O6 P'
#
# COMPACT_ATOMS: atom_id res chain seq x y z
N ALA A 2 -23.72 -9.50 -28.61
CA ALA A 2 -24.44 -9.32 -27.31
C ALA A 2 -23.46 -9.68 -26.18
N LEU A 3 -23.71 -9.14 -25.00
CA LEU A 3 -22.68 -9.21 -23.98
C LEU A 3 -23.20 -10.10 -22.87
N ALA A 4 -22.34 -10.98 -22.38
CA ALA A 4 -22.68 -11.88 -21.30
C ALA A 4 -21.55 -11.92 -20.29
N ASP A 5 -21.95 -12.24 -19.07
CA ASP A 5 -21.09 -12.28 -17.90
C ASP A 5 -20.19 -13.48 -18.05
N ILE A 6 -18.89 -13.23 -18.09
CA ILE A 6 -17.94 -14.31 -18.27
C ILE A 6 -17.97 -15.30 -17.10
N SER A 7 -18.38 -14.85 -15.92
CA SER A 7 -18.21 -15.72 -14.74
C SER A 7 -18.98 -17.04 -14.81
N GLY A 8 -20.02 -17.11 -15.65
CA GLY A 8 -20.74 -18.35 -15.90
C GLY A 8 -19.96 -19.37 -16.71
N TYR A 9 -18.77 -18.99 -17.20
CA TYR A 9 -18.05 -19.84 -18.13
C TYR A 9 -16.67 -20.15 -17.62
N LEU A 10 -16.41 -19.82 -16.38
CA LEU A 10 -15.10 -20.07 -15.82
C LEU A 10 -14.73 -21.54 -15.55
N ASP A 11 -15.62 -22.48 -15.90
CA ASP A 11 -15.21 -23.89 -15.96
C ASP A 11 -14.08 -24.15 -16.98
N VAL A 12 -13.97 -23.29 -17.99
CA VAL A 12 -12.90 -23.38 -18.99
C VAL A 12 -11.48 -23.27 -18.41
N LEU A 13 -11.35 -22.73 -17.21
CA LEU A 13 -10.06 -22.58 -16.57
C LEU A 13 -9.53 -23.95 -16.11
N ASP A 14 -10.40 -24.74 -15.51
CA ASP A 14 -10.08 -26.13 -15.19
C ASP A 14 -10.01 -27.04 -16.47
N SER A 15 -10.77 -26.69 -17.52
CA SER A 15 -10.90 -27.48 -18.74
C SER A 15 -9.73 -27.31 -19.75
N VAL A 16 -9.33 -26.09 -20.04
CA VAL A 16 -8.49 -25.82 -21.20
C VAL A 16 -7.02 -26.06 -20.90
N ARG A 17 -6.33 -26.81 -21.75
CA ARG A 17 -4.91 -27.07 -21.45
C ARG A 17 -4.04 -26.45 -22.53
N GLY A 18 -2.77 -26.21 -22.22
CA GLY A 18 -1.82 -25.71 -23.19
C GLY A 18 -1.82 -24.22 -23.55
N PHE A 19 -1.06 -23.87 -24.58
CA PHE A 19 -0.91 -22.49 -24.93
C PHE A 19 -1.59 -22.09 -26.20
N SER A 20 -2.42 -22.94 -26.79
CA SER A 20 -2.96 -22.59 -28.13
C SER A 20 -3.88 -21.42 -28.10
N TYR A 21 -4.76 -21.41 -27.10
CA TYR A 21 -5.66 -20.30 -26.81
C TYR A 21 -4.98 -18.93 -26.88
N LEU A 22 -3.74 -18.86 -26.43
CA LEU A 22 -3.08 -17.58 -26.37
C LEU A 22 -3.01 -16.86 -27.71
N GLU A 23 -3.20 -17.57 -28.80
CA GLU A 23 -3.22 -16.94 -30.12
C GLU A 23 -4.54 -16.23 -30.33
N ASN A 24 -5.56 -16.65 -29.62
CA ASN A 24 -6.81 -15.90 -29.61
C ASN A 24 -6.65 -14.59 -28.84
N ALA A 25 -5.87 -14.66 -27.77
CA ALA A 25 -5.66 -13.55 -26.87
C ALA A 25 -4.85 -12.47 -27.56
N ARG A 26 -3.74 -12.88 -28.18
CA ARG A 26 -2.89 -12.00 -29.00
C ARG A 26 -3.74 -11.35 -30.11
N GLU A 27 -4.63 -12.11 -30.72
CA GLU A 27 -5.37 -11.60 -31.84
C GLU A 27 -6.33 -10.55 -31.36
N VAL A 28 -7.06 -10.82 -30.29
CA VAL A 28 -8.06 -9.85 -29.79
C VAL A 28 -7.40 -8.55 -29.29
N LEU A 29 -6.25 -8.70 -28.63
CA LEU A 29 -5.45 -7.58 -28.16
C LEU A 29 -4.89 -6.74 -29.29
N ARG A 30 -4.32 -7.41 -30.28
CA ARG A 30 -3.88 -6.73 -31.49
C ARG A 30 -4.99 -5.98 -32.23
N SER A 31 -6.19 -6.56 -32.29
CA SER A 31 -7.26 -5.98 -33.09
C SER A 31 -8.15 -5.00 -32.30
N GLY A 32 -8.11 -5.07 -30.98
CA GLY A 32 -9.02 -4.25 -30.18
C GLY A 32 -10.45 -4.75 -30.22
N GLU A 33 -10.66 -5.89 -30.85
CA GLU A 33 -12.02 -6.48 -30.94
C GLU A 33 -12.00 -8.00 -30.88
N ALA A 34 -13.19 -8.54 -30.64
CA ALA A 34 -13.40 -9.97 -30.57
C ALA A 34 -14.74 -10.26 -31.22
N ARG A 35 -14.84 -11.39 -31.94
CA ARG A 35 -16.01 -11.79 -32.70
C ARG A 35 -17.07 -12.39 -31.79
N CYS A 36 -18.34 -12.13 -32.09
CA CYS A 36 -19.44 -12.77 -31.33
C CYS A 36 -19.42 -14.31 -31.48
N LEU A 37 -19.68 -15.01 -30.40
CA LEU A 37 -19.60 -16.46 -30.38
C LEU A 37 -21.00 -16.97 -30.39
N GLY A 38 -21.30 -17.88 -31.32
CA GLY A 38 -22.68 -18.34 -31.49
C GLY A 38 -22.98 -19.29 -30.36
N ASN A 39 -22.04 -20.19 -30.15
CA ASN A 39 -22.17 -21.16 -29.10
C ASN A 39 -20.88 -21.07 -28.30
N PRO A 40 -20.89 -20.20 -27.28
CA PRO A 40 -19.73 -19.84 -26.46
C PRO A 40 -19.12 -21.08 -25.82
N ARG A 41 -19.99 -22.02 -25.44
CA ARG A 41 -19.60 -23.28 -24.79
C ARG A 41 -18.72 -24.18 -25.67
N SER A 42 -18.92 -24.03 -26.96
CA SER A 42 -18.22 -24.79 -27.97
C SER A 42 -16.87 -24.15 -28.29
N GLU A 43 -16.52 -23.06 -27.62
CA GLU A 43 -15.24 -22.41 -27.91
C GLU A 43 -14.46 -22.11 -26.62
N PRO A 44 -14.25 -23.15 -25.80
CA PRO A 44 -13.58 -22.95 -24.51
C PRO A 44 -12.29 -22.13 -24.64
N GLU A 45 -11.51 -22.37 -25.67
CA GLU A 45 -10.23 -21.67 -25.80
C GLU A 45 -10.34 -20.17 -26.04
N TYR A 46 -11.38 -19.72 -26.73
CA TYR A 46 -11.54 -18.31 -27.00
C TYR A 46 -11.97 -17.59 -25.74
N VAL A 47 -13.03 -18.10 -25.13
CA VAL A 47 -13.40 -17.77 -23.77
C VAL A 47 -12.18 -17.69 -22.81
N LYS A 48 -11.32 -18.68 -22.83
CA LYS A 48 -10.21 -18.63 -21.91
C LYS A 48 -9.29 -17.44 -22.28
N ALA A 49 -8.99 -17.33 -23.57
CA ALA A 49 -8.24 -16.16 -24.06
C ALA A 49 -8.86 -14.86 -23.54
N LEU A 50 -10.19 -14.74 -23.52
CA LEU A 50 -10.81 -13.48 -23.09
C LEU A 50 -10.65 -13.18 -21.61
N TYR A 51 -10.94 -14.17 -20.78
CA TYR A 51 -10.68 -14.06 -19.35
C TYR A 51 -9.26 -13.66 -19.18
N VAL A 52 -8.38 -14.35 -19.86
CA VAL A 52 -6.94 -14.05 -19.67
C VAL A 52 -6.63 -12.57 -19.99
N ILE A 53 -7.41 -11.90 -20.81
CA ILE A 53 -6.95 -10.52 -21.14
C ILE A 53 -7.54 -9.45 -20.24
N GLY A 54 -8.45 -9.88 -19.38
CA GLY A 54 -9.05 -9.04 -18.39
C GLY A 54 -10.51 -8.74 -18.71
N ALA A 55 -11.11 -9.52 -19.61
CA ALA A 55 -12.52 -9.29 -19.97
C ALA A 55 -13.41 -9.84 -18.85
N SER A 56 -14.57 -9.21 -18.68
CA SER A 56 -15.60 -9.73 -17.77
C SER A 56 -16.91 -10.02 -18.49
N ARG A 57 -16.88 -9.76 -19.78
CA ARG A 57 -17.98 -10.12 -20.61
C ARG A 57 -17.49 -10.87 -21.83
N ILE A 58 -18.33 -11.80 -22.29
CA ILE A 58 -18.08 -12.47 -23.53
C ILE A 58 -19.10 -12.01 -24.60
N PRO A 59 -18.63 -11.96 -25.86
CA PRO A 59 -19.43 -11.65 -27.04
C PRO A 59 -20.15 -12.90 -27.49
N VAL A 60 -21.45 -12.79 -27.73
CA VAL A 60 -22.34 -13.91 -27.83
C VAL A 60 -23.43 -13.55 -28.86
N GLY A 61 -23.78 -14.48 -29.74
CA GLY A 61 -24.64 -14.18 -30.90
C GLY A 61 -23.88 -14.52 -32.18
N ASP A 62 -24.47 -14.21 -33.32
CA ASP A 62 -23.96 -14.56 -34.65
C ASP A 62 -23.71 -13.31 -35.50
N GLY A 63 -22.47 -13.12 -35.95
CA GLY A 63 -22.14 -12.05 -36.89
C GLY A 63 -21.40 -10.85 -36.32
N CYS A 64 -21.76 -10.48 -35.08
CA CYS A 64 -21.25 -9.26 -34.47
C CYS A 64 -19.84 -9.41 -33.91
N SER A 65 -19.30 -8.27 -33.49
CA SER A 65 -18.10 -8.28 -32.68
C SER A 65 -18.19 -7.18 -31.63
N HIS A 66 -17.27 -7.23 -30.68
CA HIS A 66 -17.32 -6.35 -29.53
C HIS A 66 -15.92 -5.87 -29.26
N THR A 67 -15.84 -4.65 -28.77
CA THR A 67 -14.59 -3.95 -28.49
C THR A 67 -14.02 -4.41 -27.13
N LEU A 68 -12.71 -4.27 -26.92
CA LEU A 68 -12.10 -4.54 -25.59
C LEU A 68 -12.83 -3.82 -24.43
N GLU A 69 -13.32 -2.63 -24.75
CA GLU A 69 -14.01 -1.83 -23.82
C GLU A 69 -15.37 -2.42 -23.47
N GLU A 70 -16.18 -2.74 -24.48
CA GLU A 70 -17.46 -3.42 -24.24
C GLU A 70 -17.24 -4.73 -23.52
N LEU A 71 -16.08 -5.32 -23.70
CA LEU A 71 -15.80 -6.60 -23.03
C LEU A 71 -15.34 -6.49 -21.58
N GLY A 72 -15.00 -5.26 -21.17
CA GLY A 72 -14.71 -4.95 -19.79
C GLY A 72 -13.23 -4.96 -19.47
N VAL A 73 -12.38 -5.09 -20.48
CA VAL A 73 -10.92 -4.96 -20.30
C VAL A 73 -10.65 -3.66 -19.58
N PHE A 74 -11.41 -2.62 -19.89
CA PHE A 74 -11.18 -1.33 -19.33
C PHE A 74 -12.08 -0.95 -18.12
N ASP A 75 -12.93 -1.84 -17.61
CA ASP A 75 -13.78 -1.41 -16.46
C ASP A 75 -12.96 -0.90 -15.29
N ILE A 76 -13.48 0.12 -14.62
CA ILE A 76 -12.90 0.51 -13.38
C ILE A 76 -13.41 -0.48 -12.33
N SER A 77 -12.49 -1.12 -11.60
CA SER A 77 -12.89 -2.04 -10.55
C SER A 77 -12.91 -1.39 -9.15
N VAL A 78 -12.06 -0.38 -8.93
CA VAL A 78 -11.89 0.26 -7.63
C VAL A 78 -13.04 1.17 -7.18
N PRO A 79 -13.60 0.92 -5.97
CA PRO A 79 -14.55 1.93 -5.45
C PRO A 79 -13.75 3.21 -5.14
N GLY A 80 -14.27 4.35 -5.57
CA GLY A 80 -13.67 5.63 -5.29
C GLY A 80 -13.35 5.91 -3.82
N GLU A 81 -14.20 5.45 -2.86
CA GLU A 81 -13.89 5.70 -1.44
C GLU A 81 -12.92 4.73 -0.78
N MET A 82 -12.37 3.79 -1.57
CA MET A 82 -11.56 2.67 -1.03
C MET A 82 -12.15 1.96 0.19
N VAL A 83 -13.43 1.62 0.10
CA VAL A 83 -14.15 0.80 1.12
C VAL A 83 -14.44 -0.60 0.56
N PHE A 84 -13.89 -1.64 1.21
CA PHE A 84 -14.02 -3.03 0.82
C PHE A 84 -14.67 -3.89 1.94
N PRO A 85 -15.55 -4.84 1.57
CA PRO A 85 -16.27 -5.66 2.62
C PRO A 85 -15.52 -6.89 3.10
N SER A 86 -14.38 -7.16 2.49
CA SER A 86 -13.57 -8.26 2.97
C SER A 86 -12.19 -8.09 2.40
N PRO A 87 -11.23 -8.79 3.02
CA PRO A 87 -9.83 -8.69 2.58
C PRO A 87 -9.68 -9.16 1.15
N LEU A 88 -10.30 -10.30 0.80
CA LEU A 88 -10.33 -10.78 -0.58
C LEU A 88 -10.92 -9.80 -1.57
N ASP A 89 -12.08 -9.25 -1.25
CA ASP A 89 -12.64 -8.32 -2.22
C ASP A 89 -11.67 -7.11 -2.38
N PHE A 90 -10.90 -6.86 -1.31
CA PHE A 90 -9.99 -5.79 -1.36
C PHE A 90 -8.79 -6.09 -2.30
N PHE A 91 -8.19 -7.27 -2.15
CA PHE A 91 -7.35 -7.85 -3.21
C PHE A 91 -7.86 -7.72 -4.65
N GLU A 92 -9.12 -8.11 -4.88
CA GLU A 92 -9.72 -8.09 -6.22
C GLU A 92 -9.88 -6.71 -6.77
N ARG A 93 -10.69 -5.91 -6.08
CA ARG A 93 -11.22 -4.66 -6.60
C ARG A 93 -10.23 -3.51 -6.32
N GLY A 94 -9.40 -3.73 -5.30
CA GLY A 94 -8.37 -2.81 -4.93
C GLY A 94 -7.22 -2.83 -5.92
N LYS A 95 -7.56 -2.42 -7.14
CA LYS A 95 -6.62 -2.54 -8.28
C LYS A 95 -7.06 -1.46 -9.28
N PRO A 96 -6.13 -1.00 -10.13
CA PRO A 96 -4.67 -1.30 -10.27
C PRO A 96 -3.74 -0.94 -9.16
N THR A 97 -2.66 -1.70 -8.97
CA THR A 97 -1.58 -1.09 -8.24
C THR A 97 -1.15 0.22 -8.96
N PRO A 98 -0.57 1.16 -8.18
CA PRO A 98 -0.18 2.53 -8.56
C PRO A 98 0.94 2.54 -9.57
N LEU A 99 0.76 3.37 -10.58
CA LEU A 99 1.80 3.60 -11.55
C LEU A 99 2.27 5.00 -11.24
N VAL A 100 3.49 5.12 -10.72
CA VAL A 100 4.03 6.43 -10.36
C VAL A 100 5.29 6.90 -11.15
N ARG A 101 5.22 8.07 -11.79
N ARG A 101 5.22 8.08 -11.78
CA ARG A 101 6.40 8.64 -12.48
CA ARG A 101 6.40 8.71 -12.43
C ARG A 101 7.53 8.97 -11.48
C ARG A 101 7.54 8.96 -11.44
N SER A 102 8.71 8.39 -11.71
CA SER A 102 9.88 8.70 -10.91
C SER A 102 10.36 10.13 -11.19
N ARG A 103 11.03 10.75 -10.22
CA ARG A 103 11.72 12.02 -10.46
C ARG A 103 13.10 11.78 -11.05
N LEU A 104 13.52 10.52 -11.06
CA LEU A 104 14.79 10.07 -11.63
C LEU A 104 14.92 10.36 -13.10
N GLN A 105 16.09 10.84 -13.49
CA GLN A 105 16.34 11.12 -14.92
C GLN A 105 17.28 10.11 -15.55
N LEU A 106 16.85 9.59 -16.69
CA LEU A 106 17.67 8.63 -17.42
C LEU A 106 18.18 9.25 -18.71
N PRO A 107 19.35 8.82 -19.17
CA PRO A 107 19.80 9.43 -20.41
C PRO A 107 18.88 9.06 -21.56
N ASN A 108 18.98 9.79 -22.65
CA ASN A 108 18.41 9.39 -23.93
C ASN A 108 16.89 9.40 -23.95
N GLY A 109 16.32 10.27 -23.12
CA GLY A 109 14.86 10.48 -23.08
C GLY A 109 14.09 9.27 -22.57
N VAL A 110 14.70 8.49 -21.68
CA VAL A 110 14.01 7.35 -21.07
C VAL A 110 13.22 7.80 -19.82
N ARG A 111 11.90 7.87 -19.93
CA ARG A 111 11.07 8.33 -18.84
C ARG A 111 10.54 7.15 -18.03
N VAL A 112 10.96 7.07 -16.77
CA VAL A 112 10.61 5.92 -15.93
C VAL A 112 9.32 6.13 -15.12
N TRP A 113 8.38 5.21 -15.23
CA TRP A 113 7.35 5.09 -14.19
C TRP A 113 7.63 3.87 -13.35
N LEU A 114 7.07 3.84 -12.14
CA LEU A 114 7.21 2.67 -11.31
C LEU A 114 5.85 2.16 -10.91
N LYS A 115 5.64 0.86 -11.11
CA LYS A 115 4.42 0.13 -10.73
C LYS A 115 4.73 -0.58 -9.42
N LEU A 116 4.04 -0.18 -8.38
CA LEU A 116 4.43 -0.56 -7.05
C LEU A 116 3.60 -1.72 -6.56
N GLU A 117 4.24 -2.86 -6.65
CA GLU A 117 3.56 -4.10 -6.40
C GLU A 117 3.49 -4.40 -4.93
N TRP A 118 4.08 -3.53 -4.09
CA TRP A 118 3.92 -3.75 -2.65
C TRP A 118 2.54 -3.32 -2.15
N TYR A 119 1.70 -2.86 -3.07
CA TYR A 119 0.39 -2.42 -2.77
C TYR A 119 -0.66 -3.52 -2.84
N ASN A 120 -0.20 -4.76 -2.61
CA ASN A 120 -1.06 -5.91 -2.50
C ASN A 120 -1.18 -6.27 -1.02
N PRO A 121 -2.39 -6.58 -0.57
CA PRO A 121 -2.66 -6.56 0.84
C PRO A 121 -1.96 -7.62 1.70
N PHE A 122 -1.65 -8.79 1.13
CA PHE A 122 -1.22 -9.94 1.95
C PHE A 122 0.29 -10.05 2.13
N SER A 123 1.05 -10.10 1.05
CA SER A 123 2.49 -10.27 1.17
C SER A 123 3.26 -8.97 0.94
N LEU A 124 2.53 -7.92 0.51
CA LEU A 124 3.12 -6.61 0.24
C LEU A 124 4.16 -6.80 -0.84
N SER A 125 3.73 -7.57 -1.82
CA SER A 125 4.53 -8.01 -2.97
C SER A 125 3.61 -8.47 -4.09
N VAL A 126 4.20 -8.56 -5.27
CA VAL A 126 3.55 -9.05 -6.48
C VAL A 126 3.04 -10.54 -6.39
N ALA A 127 3.66 -11.35 -5.52
CA ALA A 127 3.27 -12.74 -5.24
C ALA A 127 1.84 -12.93 -4.73
N ASP A 128 1.26 -11.91 -4.18
CA ASP A 128 -0.18 -11.99 -3.90
C ASP A 128 -0.97 -12.43 -5.09
N ARG A 129 -0.60 -12.03 -6.29
CA ARG A 129 -1.50 -12.23 -7.43
C ARG A 129 -1.54 -13.72 -7.86
N PRO A 130 -0.36 -14.35 -8.06
CA PRO A 130 -0.43 -15.78 -8.32
C PRO A 130 -0.96 -16.55 -7.09
N ALA A 131 -0.95 -15.99 -5.90
CA ALA A 131 -1.31 -16.89 -4.79
C ALA A 131 -2.84 -16.97 -4.82
N VAL A 132 -3.50 -15.83 -4.90
CA VAL A 132 -4.93 -15.79 -5.07
C VAL A 132 -5.40 -16.62 -6.23
N GLU A 133 -4.70 -16.59 -7.36
CA GLU A 133 -5.29 -17.10 -8.61
C GLU A 133 -5.19 -18.60 -8.59
N ILE A 134 -4.04 -19.07 -8.09
CA ILE A 134 -3.81 -20.45 -7.88
C ILE A 134 -4.86 -20.90 -6.86
N ILE A 135 -4.74 -20.51 -5.60
CA ILE A 135 -5.63 -21.06 -4.58
C ILE A 135 -7.09 -21.04 -5.07
N SER A 136 -7.63 -19.88 -5.39
CA SER A 136 -8.91 -19.81 -6.09
C SER A 136 -9.28 -21.01 -6.96
N ARG A 137 -8.36 -21.50 -7.76
CA ARG A 137 -8.67 -22.65 -8.62
C ARG A 137 -8.74 -24.02 -7.97
N LEU A 138 -7.80 -24.32 -7.06
CA LEU A 138 -7.93 -25.41 -6.15
C LEU A 138 -9.31 -25.41 -5.58
N SER A 139 -9.74 -24.23 -5.18
CA SER A 139 -10.93 -24.09 -4.39
C SER A 139 -12.08 -25.02 -4.84
N ARG A 140 -12.33 -25.16 -6.15
CA ARG A 140 -13.45 -25.99 -6.65
C ARG A 140 -13.32 -27.52 -6.55
N ARG A 141 -12.12 -28.05 -6.64
CA ARG A 141 -11.99 -29.48 -6.58
C ARG A 141 -11.02 -30.01 -5.50
N VAL A 142 -10.41 -29.13 -4.71
CA VAL A 142 -9.63 -29.56 -3.55
C VAL A 142 -10.44 -29.31 -2.27
N GLU A 143 -10.59 -30.37 -1.49
CA GLU A 143 -11.31 -30.35 -0.22
C GLU A 143 -10.77 -29.32 0.76
N LYS A 144 -11.67 -28.51 1.33
CA LYS A 144 -11.29 -27.63 2.46
C LYS A 144 -10.49 -28.44 3.48
N GLY A 145 -9.63 -27.81 4.26
CA GLY A 145 -8.90 -28.53 5.32
C GLY A 145 -7.63 -29.19 4.82
N SER A 146 -7.56 -29.42 3.51
CA SER A 146 -6.38 -30.01 2.88
C SER A 146 -5.20 -29.06 2.93
N LEU A 147 -4.01 -29.65 2.90
CA LEU A 147 -2.79 -28.92 3.07
C LEU A 147 -2.26 -28.54 1.69
N VAL A 148 -1.77 -27.33 1.51
CA VAL A 148 -1.14 -27.00 0.21
C VAL A 148 0.25 -26.49 0.48
N ALA A 149 1.17 -26.46 -0.50
CA ALA A 149 2.57 -26.19 -0.15
C ALA A 149 3.39 -25.80 -1.34
N ASP A 150 4.52 -25.10 -1.14
CA ASP A 150 5.44 -24.80 -2.25
C ASP A 150 6.80 -24.32 -1.76
N ALA A 151 7.78 -24.37 -2.63
CA ALA A 151 9.02 -23.67 -2.41
C ALA A 151 8.77 -22.18 -2.62
N THR A 152 9.41 -21.36 -1.78
CA THR A 152 9.33 -19.90 -1.97
C THR A 152 10.67 -19.26 -1.62
N SER A 153 10.96 -18.15 -2.28
CA SER A 153 12.11 -17.33 -1.87
C SER A 153 11.72 -16.47 -0.63
N SER A 154 10.41 -16.24 -0.46
CA SER A 154 9.78 -15.63 0.74
C SER A 154 8.36 -15.13 0.44
N ASN A 155 8.28 -14.30 -0.58
CA ASN A 155 7.07 -13.59 -0.90
C ASN A 155 5.89 -14.49 -1.12
N PHE A 156 6.08 -15.44 -2.04
CA PHE A 156 5.09 -16.39 -2.40
C PHE A 156 4.48 -17.11 -1.23
N GLY A 157 5.35 -17.53 -0.31
CA GLY A 157 4.98 -18.30 0.83
C GLY A 157 4.12 -17.57 1.81
N VAL A 158 4.56 -16.35 2.15
CA VAL A 158 3.74 -15.44 2.94
C VAL A 158 2.38 -15.26 2.24
N ALA A 159 2.41 -14.92 0.95
CA ALA A 159 1.14 -14.70 0.25
C ALA A 159 0.22 -15.95 0.29
N LEU A 160 0.77 -17.09 -0.14
CA LEU A 160 0.10 -18.37 -0.08
C LEU A 160 -0.46 -18.74 1.29
N SER A 161 0.36 -18.60 2.33
CA SER A 161 -0.09 -18.87 3.70
C SER A 161 -1.37 -18.12 4.05
N ALA A 162 -1.38 -16.86 3.64
CA ALA A 162 -2.52 -15.99 3.90
C ALA A 162 -3.74 -16.40 3.08
N VAL A 163 -3.57 -16.50 1.76
CA VAL A 163 -4.71 -16.84 0.87
C VAL A 163 -5.34 -18.22 1.18
N ALA A 164 -4.51 -19.11 1.73
CA ALA A 164 -4.93 -20.48 1.89
C ALA A 164 -5.88 -20.48 3.07
N ARG A 165 -5.48 -19.75 4.10
CA ARG A 165 -6.29 -19.64 5.26
C ARG A 165 -7.59 -18.97 4.92
N LEU A 166 -7.56 -17.87 4.17
CA LEU A 166 -8.81 -17.25 3.75
C LEU A 166 -9.72 -18.23 3.01
N TYR A 167 -9.12 -19.28 2.47
CA TYR A 167 -9.91 -20.24 1.73
C TYR A 167 -10.25 -21.55 2.45
N GLY A 168 -9.80 -21.77 3.68
CA GLY A 168 -10.07 -23.05 4.35
C GLY A 168 -8.96 -24.08 4.30
N TYR A 169 -7.81 -23.74 3.72
CA TYR A 169 -6.74 -24.70 3.58
C TYR A 169 -5.69 -24.47 4.64
N ARG A 170 -4.93 -25.51 4.98
N ARG A 170 -4.92 -25.48 4.99
CA ARG A 170 -3.69 -25.35 5.73
CA ARG A 170 -3.72 -25.26 5.76
C ARG A 170 -2.62 -24.92 4.73
C ARG A 170 -2.57 -25.10 4.74
N ALA A 171 -1.39 -24.72 5.20
CA ALA A 171 -0.30 -24.26 4.31
C ALA A 171 1.03 -24.69 4.85
N ARG A 172 1.96 -25.00 3.95
CA ARG A 172 3.31 -25.29 4.31
C ARG A 172 4.19 -24.66 3.29
N VAL A 173 5.27 -24.06 3.81
CA VAL A 173 6.21 -23.32 3.00
C VAL A 173 7.64 -23.82 3.21
N TYR A 174 8.40 -23.86 2.13
CA TYR A 174 9.73 -24.35 2.21
C TYR A 174 10.65 -23.26 1.70
N LEU A 175 11.69 -22.96 2.47
CA LEU A 175 12.62 -21.93 2.11
C LEU A 175 14.05 -22.40 2.24
N PRO A 176 14.93 -21.85 1.39
CA PRO A 176 16.39 -21.95 1.51
C PRO A 176 16.89 -21.17 2.74
N GLY A 177 18.02 -21.59 3.33
CA GLY A 177 18.65 -20.88 4.46
C GLY A 177 18.83 -19.37 4.22
N ALA A 178 19.31 -18.98 3.03
CA ALA A 178 19.61 -17.57 2.67
C ALA A 178 18.39 -16.62 2.47
N ALA A 179 17.17 -17.13 2.66
CA ALA A 179 15.99 -16.28 2.48
C ALA A 179 15.84 -15.31 3.65
N GLU A 180 15.12 -14.21 3.36
CA GLU A 180 14.84 -13.16 4.32
C GLU A 180 14.15 -13.73 5.54
N GLU A 181 14.19 -13.01 6.66
CA GLU A 181 13.67 -13.58 7.88
C GLU A 181 12.15 -13.49 7.96
N PHE A 182 11.55 -12.65 7.11
CA PHE A 182 10.10 -12.44 7.20
C PHE A 182 9.37 -13.60 6.56
N GLY A 183 9.98 -14.05 5.48
CA GLY A 183 9.59 -15.24 4.75
C GLY A 183 9.51 -16.48 5.61
N LYS A 184 10.35 -16.55 6.67
CA LYS A 184 10.47 -17.71 7.56
C LYS A 184 9.55 -17.54 8.74
N LEU A 185 9.27 -16.29 9.06
CA LEU A 185 8.52 -15.99 10.24
C LEU A 185 7.06 -15.63 9.98
N LEU A 186 6.76 -14.92 8.89
CA LEU A 186 5.34 -14.51 8.69
C LEU A 186 4.34 -15.60 8.40
N PRO A 187 4.76 -16.61 7.63
CA PRO A 187 3.88 -17.71 7.46
C PRO A 187 3.44 -18.26 8.83
N ARG A 188 4.35 -18.46 9.79
CA ARG A 188 3.95 -19.05 11.08
C ARG A 188 2.89 -18.20 11.75
N LEU A 189 3.05 -16.88 11.59
CA LEU A 189 2.12 -15.94 12.15
C LEU A 189 0.76 -16.13 11.50
N LEU A 190 0.79 -16.26 10.17
CA LEU A 190 -0.40 -16.56 9.41
C LEU A 190 -0.85 -18.02 9.57
N GLY A 191 -0.09 -18.86 10.31
CA GLY A 191 -0.54 -20.21 10.74
C GLY A 191 -0.16 -21.36 9.82
N ALA A 192 0.66 -21.08 8.82
CA ALA A 192 1.32 -22.06 8.00
C ALA A 192 2.44 -22.74 8.81
N GLN A 193 2.88 -23.93 8.36
CA GLN A 193 4.15 -24.48 8.86
C GLN A 193 5.23 -24.05 7.92
N VAL A 194 6.46 -24.10 8.41
CA VAL A 194 7.59 -23.60 7.67
C VAL A 194 8.73 -24.59 7.81
N ILE A 195 9.39 -24.90 6.70
CA ILE A 195 10.60 -25.72 6.70
C ILE A 195 11.72 -24.93 6.07
N VAL A 196 12.85 -24.82 6.80
CA VAL A 196 14.01 -24.13 6.27
C VAL A 196 15.12 -25.10 5.98
N ASP A 197 15.54 -25.16 4.73
CA ASP A 197 16.69 -25.98 4.42
C ASP A 197 17.93 -25.11 4.32
N PRO A 198 18.68 -25.02 5.43
CA PRO A 198 19.87 -24.19 5.55
C PRO A 198 20.96 -24.65 4.60
N GLU A 199 20.74 -25.79 3.97
CA GLU A 199 21.64 -26.34 2.97
C GLU A 199 21.31 -25.74 1.59
N ALA A 200 20.04 -25.85 1.17
CA ALA A 200 19.60 -25.40 -0.16
C ALA A 200 20.17 -24.05 -0.63
N PRO A 201 21.00 -24.07 -1.69
CA PRO A 201 21.54 -22.84 -2.29
C PRO A 201 20.52 -22.12 -3.18
N SER A 202 19.22 -22.37 -2.98
CA SER A 202 18.19 -21.70 -3.80
C SER A 202 16.81 -22.25 -3.60
N THR A 203 15.84 -21.51 -4.14
CA THR A 203 14.46 -21.89 -4.12
C THR A 203 14.31 -23.13 -4.96
N VAL A 204 14.74 -23.10 -6.22
CA VAL A 204 14.48 -24.23 -7.11
C VAL A 204 15.10 -25.53 -6.61
N HIS A 205 16.29 -25.44 -6.04
CA HIS A 205 16.93 -26.59 -5.41
C HIS A 205 15.99 -27.32 -4.44
N LEU A 206 14.98 -26.63 -3.93
CA LEU A 206 14.05 -27.22 -2.98
C LEU A 206 12.96 -28.10 -3.59
N LEU A 207 12.67 -27.88 -4.88
CA LEU A 207 11.56 -28.56 -5.55
C LEU A 207 11.57 -30.10 -5.45
N PRO A 208 12.75 -30.74 -5.62
CA PRO A 208 12.74 -32.21 -5.41
C PRO A 208 12.16 -32.70 -4.10
N ARG A 209 12.56 -32.10 -2.98
CA ARG A 209 12.11 -32.53 -1.64
C ARG A 209 10.65 -32.16 -1.41
N VAL A 210 10.19 -31.14 -2.13
CA VAL A 210 8.80 -30.73 -2.01
C VAL A 210 7.93 -31.78 -2.69
N MET A 211 8.32 -32.14 -3.91
CA MET A 211 7.65 -33.22 -4.68
C MET A 211 7.66 -34.59 -4.01
N LYS A 212 8.79 -34.97 -3.45
CA LYS A 212 8.87 -36.24 -2.81
C LYS A 212 7.90 -36.23 -1.64
N ASP A 213 8.01 -35.19 -0.81
CA ASP A 213 7.21 -34.97 0.39
C ASP A 213 5.72 -34.99 0.01
N SER A 214 5.38 -34.34 -1.11
CA SER A 214 4.01 -34.36 -1.60
C SER A 214 3.49 -35.77 -1.87
N LYS A 215 4.29 -36.56 -2.59
CA LYS A 215 3.99 -37.98 -2.86
C LYS A 215 3.81 -38.71 -1.54
N ASN A 216 4.69 -38.44 -0.58
CA ASN A 216 4.58 -39.12 0.69
C ASN A 216 3.39 -38.68 1.56
N GLU A 217 3.11 -37.38 1.56
CA GLU A 217 2.20 -36.89 2.54
C GLU A 217 0.86 -36.58 1.96
N GLY A 218 0.77 -36.49 0.64
CA GLY A 218 -0.52 -36.29 0.07
C GLY A 218 -0.95 -34.86 0.03
N PHE A 219 -0.02 -33.96 0.38
CA PHE A 219 -0.39 -32.55 0.30
C PHE A 219 -0.31 -32.13 -1.20
N VAL A 220 -1.04 -31.08 -1.56
CA VAL A 220 -1.10 -30.62 -2.94
C VAL A 220 0.03 -29.63 -3.19
N HIS A 221 0.87 -29.91 -4.18
CA HIS A 221 2.01 -29.04 -4.36
C HIS A 221 1.66 -28.07 -5.46
N VAL A 222 1.45 -26.75 -5.16
CA VAL A 222 0.76 -25.82 -6.14
C VAL A 222 1.70 -25.28 -7.25
N ASN A 223 2.98 -25.47 -6.95
CA ASN A 223 4.05 -25.22 -7.89
C ASN A 223 3.92 -23.97 -8.75
N GLN A 224 4.34 -22.85 -8.16
CA GLN A 224 4.32 -21.52 -8.81
C GLN A 224 5.24 -21.51 -10.01
N PHE A 225 6.29 -22.32 -9.93
CA PHE A 225 7.31 -22.38 -11.01
C PHE A 225 6.78 -22.94 -12.30
N TYR A 226 5.64 -23.63 -12.19
CA TYR A 226 5.10 -24.39 -13.29
C TYR A 226 3.58 -24.22 -13.44
N ASN A 227 2.94 -23.45 -12.59
CA ASN A 227 1.50 -23.54 -12.62
C ASN A 227 0.90 -22.42 -13.47
N ASP A 228 0.16 -22.72 -14.48
CA ASP A 228 -0.25 -21.63 -15.34
C ASP A 228 -1.19 -20.58 -14.72
N ALA A 229 -1.72 -20.81 -13.52
CA ALA A 229 -2.54 -19.81 -12.90
C ALA A 229 -1.67 -18.61 -12.49
N ASN A 230 -0.37 -18.81 -12.49
CA ASN A 230 0.60 -17.76 -12.19
C ASN A 230 0.66 -16.74 -13.31
N PHE A 231 0.94 -17.19 -14.52
CA PHE A 231 1.11 -16.32 -15.69
C PHE A 231 -0.28 -15.74 -16.01
N GLU A 232 -1.32 -16.54 -15.96
CA GLU A 232 -2.69 -16.04 -16.20
C GLU A 232 -3.11 -14.97 -15.21
N ALA A 233 -2.53 -15.00 -14.00
CA ALA A 233 -2.85 -14.00 -12.97
C ALA A 233 -2.25 -12.67 -13.27
N HIS A 234 -1.11 -12.68 -13.97
CA HIS A 234 -0.43 -11.48 -14.32
C HIS A 234 -0.93 -10.99 -15.62
N MET A 235 -1.50 -11.87 -16.42
CA MET A 235 -2.02 -11.45 -17.67
C MET A 235 -3.19 -10.59 -17.38
N ARG A 236 -4.14 -11.09 -16.60
CA ARG A 236 -5.35 -10.35 -16.32
C ARG A 236 -5.14 -9.24 -15.27
N GLY A 237 -4.14 -9.38 -14.38
CA GLY A 237 -3.81 -8.30 -13.46
C GLY A 237 -2.67 -7.40 -13.97
N THR A 238 -1.47 -7.64 -13.43
CA THR A 238 -0.31 -6.83 -13.73
C THR A 238 -0.29 -6.27 -15.15
N ALA A 239 -0.40 -7.14 -16.13
CA ALA A 239 -0.17 -6.83 -17.54
C ALA A 239 -1.32 -6.03 -18.14
N ARG A 240 -2.53 -6.47 -17.89
CA ARG A 240 -3.67 -5.70 -18.36
C ARG A 240 -3.57 -4.27 -17.81
N GLU A 241 -3.05 -4.19 -16.59
CA GLU A 241 -3.09 -2.95 -15.90
C GLU A 241 -2.09 -2.01 -16.53
N ILE A 242 -0.87 -2.47 -16.75
CA ILE A 242 0.08 -1.65 -17.48
C ILE A 242 -0.56 -1.07 -18.73
N PHE A 243 -1.16 -1.92 -19.54
CA PHE A 243 -1.89 -1.56 -20.77
C PHE A 243 -2.88 -0.48 -20.52
N VAL A 244 -3.83 -0.74 -19.63
CA VAL A 244 -4.84 0.22 -19.26
C VAL A 244 -4.31 1.51 -18.62
N GLN A 245 -3.44 1.36 -17.62
CA GLN A 245 -2.75 2.51 -17.01
C GLN A 245 -2.00 3.37 -18.05
N SER A 246 -1.33 2.77 -19.02
CA SER A 246 -0.66 3.56 -20.10
C SER A 246 -1.66 4.31 -20.98
N ARG A 247 -2.71 3.64 -21.39
CA ARG A 247 -3.54 4.26 -22.36
C ARG A 247 -4.20 5.39 -21.64
N ARG A 248 -4.67 5.15 -20.43
CA ARG A 248 -5.36 6.18 -19.69
C ARG A 248 -4.47 7.26 -19.07
N GLY A 249 -3.30 6.90 -18.55
CA GLY A 249 -2.36 7.91 -18.10
C GLY A 249 -1.81 8.69 -19.29
N GLY A 250 -2.25 8.34 -20.50
CA GLY A 250 -1.77 8.96 -21.71
C GLY A 250 -0.25 8.89 -21.87
N LEU A 251 0.39 7.80 -21.48
CA LEU A 251 1.80 7.57 -21.73
C LEU A 251 1.98 7.15 -23.16
N ALA A 252 3.16 7.46 -23.69
CA ALA A 252 3.61 6.91 -24.96
C ALA A 252 4.52 5.79 -24.55
N LEU A 253 3.88 4.64 -24.31
CA LEU A 253 4.55 3.43 -23.83
C LEU A 253 5.47 2.82 -24.87
N ARG A 254 6.71 2.58 -24.47
CA ARG A 254 7.74 2.09 -25.35
C ARG A 254 8.38 0.84 -24.79
N GLY A 255 8.16 0.55 -23.51
CA GLY A 255 8.80 -0.62 -22.93
C GLY A 255 8.53 -0.92 -21.47
N VAL A 256 8.88 -2.12 -21.03
CA VAL A 256 8.74 -2.45 -19.65
C VAL A 256 10.02 -3.07 -19.18
N ALA A 257 10.22 -3.02 -17.88
CA ALA A 257 11.42 -3.58 -17.30
C ALA A 257 11.06 -4.33 -16.04
N GLY A 258 11.73 -5.45 -15.79
CA GLY A 258 11.48 -6.18 -14.58
C GLY A 258 12.45 -7.30 -14.36
N SER A 259 12.21 -8.04 -13.28
CA SER A 259 13.04 -9.13 -12.83
C SER A 259 12.26 -10.45 -12.99
N LEU A 260 12.92 -11.58 -12.66
CA LEU A 260 12.48 -12.94 -13.01
C LEU A 260 12.87 -13.94 -11.95
N GLY A 261 11.84 -14.50 -11.28
CA GLY A 261 11.96 -15.64 -10.40
C GLY A 261 11.24 -16.81 -11.06
N THR A 262 9.95 -17.04 -10.74
CA THR A 262 9.16 -17.94 -11.59
C THR A 262 9.17 -17.46 -13.05
N SER A 263 9.30 -16.17 -13.26
CA SER A 263 9.15 -15.53 -14.59
C SER A 263 7.70 -15.23 -14.94
N GLY A 264 6.78 -15.56 -14.05
CA GLY A 264 5.37 -15.26 -14.29
C GLY A 264 5.01 -13.85 -14.71
N HIS A 265 5.34 -12.84 -13.91
CA HIS A 265 4.80 -11.52 -14.21
C HIS A 265 5.46 -10.81 -15.41
N MET A 266 6.77 -10.99 -15.58
CA MET A 266 7.42 -10.32 -16.71
C MET A 266 6.99 -10.90 -18.03
N SER A 267 6.87 -12.25 -18.06
CA SER A 267 6.32 -12.97 -19.22
C SER A 267 4.92 -12.45 -19.62
N ALA A 268 4.07 -12.17 -18.63
CA ALA A 268 2.73 -11.76 -18.95
C ALA A 268 2.78 -10.34 -19.44
N ALA A 269 3.51 -9.51 -18.70
CA ALA A 269 3.63 -8.12 -19.11
C ALA A 269 4.23 -8.04 -20.52
N ALA A 270 5.32 -8.77 -20.76
CA ALA A 270 5.93 -8.76 -22.14
C ALA A 270 4.99 -9.30 -23.21
N PHE A 271 4.27 -10.39 -22.86
CA PHE A 271 3.39 -11.03 -23.83
C PHE A 271 2.21 -10.16 -24.18
N TYR A 272 1.58 -9.64 -23.14
CA TYR A 272 0.36 -8.93 -23.28
C TYR A 272 0.64 -7.69 -24.08
N LEU A 273 1.68 -6.97 -23.68
CA LEU A 273 1.93 -5.67 -24.34
C LEU A 273 2.40 -5.84 -25.79
N GLN A 274 3.30 -6.79 -26.03
CA GLN A 274 3.76 -7.08 -27.39
C GLN A 274 2.66 -7.47 -28.38
N SER A 275 1.51 -7.90 -27.85
CA SER A 275 0.39 -8.28 -28.67
C SER A 275 -0.28 -7.03 -29.17
N VAL A 276 -0.15 -5.96 -28.38
CA VAL A 276 -0.77 -4.71 -28.71
C VAL A 276 0.16 -3.89 -29.62
N ASP A 277 1.45 -3.98 -29.39
CA ASP A 277 2.41 -3.41 -30.29
C ASP A 277 3.74 -4.11 -30.08
N PRO A 278 4.16 -4.92 -31.08
CA PRO A 278 5.38 -5.77 -30.99
C PRO A 278 6.70 -5.00 -30.78
N SER A 279 6.68 -3.70 -30.99
CA SER A 279 7.90 -2.93 -30.79
C SER A 279 8.18 -2.62 -29.30
N ILE A 280 7.19 -2.92 -28.44
CA ILE A 280 7.34 -2.68 -27.02
C ILE A 280 8.42 -3.57 -26.45
N ARG A 281 9.42 -2.94 -25.86
CA ARG A 281 10.60 -3.64 -25.44
C ARG A 281 10.34 -4.31 -24.12
N ALA A 282 11.21 -5.23 -23.72
CA ALA A 282 11.16 -5.75 -22.37
C ALA A 282 12.55 -5.98 -21.83
N VAL A 283 12.90 -5.16 -20.86
CA VAL A 283 14.24 -5.20 -20.37
C VAL A 283 14.28 -6.06 -19.10
N LEU A 284 15.09 -7.10 -19.12
CA LEU A 284 15.04 -8.03 -18.02
C LEU A 284 16.38 -8.13 -17.39
N VAL A 285 16.35 -8.29 -16.08
CA VAL A 285 17.49 -8.39 -15.20
C VAL A 285 18.11 -9.80 -15.27
N GLN A 286 19.43 -9.87 -15.11
CA GLN A 286 20.14 -11.13 -14.93
C GLN A 286 21.05 -10.84 -13.78
N PRO A 287 20.71 -11.35 -12.59
CA PRO A 287 21.67 -11.19 -11.50
C PRO A 287 23.01 -11.66 -12.02
N ALA A 288 24.02 -10.79 -11.95
CA ALA A 288 25.38 -11.16 -12.31
C ALA A 288 25.67 -12.48 -11.62
N GLN A 289 26.43 -13.34 -12.31
CA GLN A 289 26.72 -14.69 -11.82
C GLN A 289 27.51 -14.58 -10.55
N GLY A 290 27.21 -15.44 -9.58
CA GLY A 290 27.88 -15.37 -8.28
C GLY A 290 27.10 -14.47 -7.34
N ASP A 291 26.29 -13.59 -7.91
CA ASP A 291 25.43 -12.71 -7.11
C ASP A 291 24.03 -13.27 -6.91
N SER A 292 23.42 -12.90 -5.79
CA SER A 292 22.05 -13.30 -5.45
C SER A 292 21.22 -12.08 -5.08
N ILE A 293 20.14 -11.89 -5.80
CA ILE A 293 19.26 -10.79 -5.53
C ILE A 293 17.93 -11.39 -5.09
N PRO A 294 17.47 -11.06 -3.85
CA PRO A 294 16.36 -11.84 -3.29
C PRO A 294 15.14 -11.83 -4.18
N GLY A 295 14.65 -13.03 -4.47
CA GLY A 295 13.44 -13.26 -5.22
C GLY A 295 13.62 -13.54 -6.69
N ILE A 296 14.85 -13.43 -7.17
CA ILE A 296 15.13 -13.53 -8.59
C ILE A 296 16.37 -14.36 -8.89
N ARG A 297 16.53 -14.71 -10.17
CA ARG A 297 17.66 -15.52 -10.61
C ARG A 297 17.92 -15.35 -12.11
N ARG A 298 18.99 -15.99 -12.57
CA ARG A 298 19.37 -15.99 -13.99
C ARG A 298 18.38 -16.74 -14.93
N VAL A 299 18.27 -16.29 -16.18
CA VAL A 299 17.31 -16.85 -17.16
C VAL A 299 17.52 -18.32 -17.50
N GLU A 300 18.77 -18.75 -17.56
CA GLU A 300 19.04 -20.14 -17.95
C GLU A 300 18.95 -21.17 -16.79
N THR A 301 18.58 -20.71 -15.58
CA THR A 301 18.28 -21.65 -14.47
C THR A 301 16.96 -22.38 -14.75
N GLY A 302 16.32 -22.04 -15.88
CA GLY A 302 15.14 -22.77 -16.35
C GLY A 302 13.79 -22.24 -15.86
N MET A 303 13.15 -21.47 -16.73
CA MET A 303 11.90 -20.80 -16.44
C MET A 303 10.89 -21.20 -17.51
N LEU A 304 9.65 -21.45 -17.09
CA LEU A 304 8.62 -21.87 -17.98
C LEU A 304 8.29 -20.82 -19.04
N TRP A 305 7.54 -19.81 -18.67
CA TRP A 305 6.88 -18.99 -19.69
C TRP A 305 7.85 -18.09 -20.51
N ILE A 306 8.92 -17.64 -19.87
CA ILE A 306 9.83 -16.68 -20.50
C ILE A 306 10.39 -17.28 -21.80
N ASN A 307 10.86 -18.54 -21.71
CA ASN A 307 11.31 -19.34 -22.86
C ASN A 307 10.16 -19.80 -23.79
N MET A 308 9.12 -20.42 -23.22
CA MET A 308 8.09 -21.08 -24.03
C MET A 308 7.17 -20.24 -24.91
N LEU A 309 7.03 -18.96 -24.63
CA LEU A 309 6.07 -18.17 -25.42
C LEU A 309 6.74 -17.26 -26.42
N ASP A 310 5.95 -16.70 -27.34
CA ASP A 310 6.53 -15.82 -28.36
C ASP A 310 6.69 -14.36 -27.86
N ILE A 311 7.83 -14.13 -27.18
CA ILE A 311 8.10 -12.95 -26.38
C ILE A 311 9.48 -12.40 -26.78
N SER A 312 9.57 -11.10 -27.06
CA SER A 312 10.85 -10.42 -27.33
C SER A 312 11.40 -9.80 -26.07
N TYR A 313 12.67 -10.03 -25.78
CA TYR A 313 13.21 -9.47 -24.57
C TYR A 313 14.70 -9.22 -24.63
N THR A 314 15.24 -8.48 -23.67
CA THR A 314 16.63 -8.07 -23.65
C THR A 314 17.20 -8.14 -22.25
N LEU A 315 18.24 -8.92 -22.10
CA LEU A 315 18.85 -9.11 -20.81
C LEU A 315 19.85 -8.02 -20.50
N ALA A 316 19.97 -7.70 -19.22
CA ALA A 316 21.10 -6.93 -18.67
C ALA A 316 21.53 -7.53 -17.35
N GLU A 317 22.83 -7.54 -17.11
CA GLU A 317 23.37 -8.01 -15.84
C GLU A 317 23.44 -6.85 -14.84
N VAL A 318 23.40 -7.23 -13.57
CA VAL A 318 23.27 -6.33 -12.45
C VAL A 318 23.85 -7.10 -11.24
N THR A 319 24.71 -6.43 -10.48
CA THR A 319 25.31 -7.07 -9.32
C THR A 319 24.36 -6.80 -8.17
N LEU A 320 24.60 -7.39 -7.02
CA LEU A 320 23.86 -7.01 -5.84
C LEU A 320 24.17 -5.55 -5.49
N GLU A 321 25.44 -5.22 -5.56
CA GLU A 321 25.90 -3.88 -5.30
C GLU A 321 25.22 -2.80 -6.17
N GLU A 322 25.05 -3.03 -7.48
CA GLU A 322 24.31 -2.09 -8.34
C GLU A 322 22.82 -2.04 -7.99
N ALA A 323 22.20 -3.20 -7.82
CA ALA A 323 20.78 -3.21 -7.54
C ALA A 323 20.52 -2.33 -6.31
N MET A 324 21.41 -2.44 -5.32
CA MET A 324 21.28 -1.67 -4.08
C MET A 324 21.54 -0.17 -4.26
N GLU A 325 22.54 0.18 -5.09
CA GLU A 325 22.86 1.58 -5.37
C GLU A 325 21.59 2.21 -6.00
N ALA A 326 20.82 1.41 -6.72
CA ALA A 326 19.59 1.93 -7.32
C ALA A 326 18.43 2.00 -6.32
N VAL A 327 18.48 1.20 -5.28
CA VAL A 327 17.53 1.37 -4.19
C VAL A 327 17.80 2.76 -3.58
N VAL A 328 19.09 3.05 -3.36
CA VAL A 328 19.51 4.31 -2.75
C VAL A 328 19.20 5.45 -3.70
N GLU A 329 19.54 5.34 -4.97
CA GLU A 329 19.16 6.40 -5.90
C GLU A 329 17.66 6.70 -5.83
N VAL A 330 16.82 5.68 -5.90
CA VAL A 330 15.35 5.89 -5.93
C VAL A 330 14.85 6.42 -4.60
N ALA A 331 15.48 6.00 -3.52
CA ALA A 331 15.03 6.44 -2.20
C ALA A 331 15.23 7.95 -2.07
N ARG A 332 16.33 8.44 -2.69
CA ARG A 332 16.78 9.80 -2.50
C ARG A 332 16.04 10.75 -3.45
N SER A 333 15.68 10.27 -4.63
N SER A 333 15.66 10.24 -4.61
CA SER A 333 14.87 11.07 -5.54
CA SER A 333 14.91 10.99 -5.61
C SER A 333 13.44 11.08 -5.03
C SER A 333 13.44 11.05 -5.25
N ASP A 334 12.84 9.90 -5.01
CA ASP A 334 11.39 9.76 -4.90
C ASP A 334 10.86 9.57 -3.51
N GLY A 335 11.74 9.24 -2.56
CA GLY A 335 11.32 9.02 -1.20
C GLY A 335 10.51 7.76 -1.12
N LEU A 336 10.65 6.92 -2.15
CA LEU A 336 10.01 5.58 -2.23
C LEU A 336 11.06 4.58 -1.94
N VAL A 337 10.80 3.73 -0.95
CA VAL A 337 11.74 2.69 -0.63
C VAL A 337 11.35 1.38 -1.37
N ILE A 338 12.10 1.08 -2.43
CA ILE A 338 11.91 -0.18 -3.17
C ILE A 338 12.83 -1.32 -2.71
N GLY A 339 12.48 -2.54 -3.13
CA GLY A 339 13.31 -3.70 -2.83
C GLY A 339 14.38 -4.00 -3.88
N PRO A 340 15.30 -4.90 -3.53
CA PRO A 340 16.49 -5.17 -4.35
C PRO A 340 16.20 -5.53 -5.82
N SER A 341 15.18 -6.38 -6.07
CA SER A 341 14.73 -6.70 -7.43
C SER A 341 14.24 -5.50 -8.20
N GLY A 342 13.50 -4.62 -7.50
CA GLY A 342 13.12 -3.31 -8.04
C GLY A 342 14.36 -2.50 -8.43
N GLY A 343 15.33 -2.46 -7.51
CA GLY A 343 16.58 -1.76 -7.74
C GLY A 343 17.23 -2.24 -9.03
N ALA A 344 17.52 -3.55 -9.07
CA ALA A 344 17.93 -4.25 -10.29
C ALA A 344 17.10 -3.90 -11.53
N ALA A 345 15.78 -3.99 -11.42
CA ALA A 345 14.98 -3.70 -12.62
C ALA A 345 15.27 -2.29 -13.09
N VAL A 346 15.21 -1.32 -12.18
CA VAL A 346 15.58 0.07 -12.45
C VAL A 346 16.98 0.16 -13.11
N LYS A 347 17.98 -0.49 -12.51
CA LYS A 347 19.35 -0.51 -13.05
C LYS A 347 19.49 -1.10 -14.46
N ALA A 348 18.74 -2.16 -14.72
CA ALA A 348 18.68 -2.77 -16.03
C ALA A 348 18.13 -1.79 -17.04
N LEU A 349 17.05 -1.13 -16.67
CA LEU A 349 16.54 -0.05 -17.48
C LEU A 349 17.59 1.08 -17.66
N ALA A 350 18.35 1.40 -16.61
CA ALA A 350 19.29 2.52 -16.70
C ALA A 350 20.51 2.19 -17.56
N LYS A 351 20.90 0.91 -17.58
CA LYS A 351 21.99 0.42 -18.42
C LYS A 351 21.61 0.46 -19.88
N LYS A 352 20.39 0.02 -20.16
CA LYS A 352 20.00 -0.03 -21.55
C LYS A 352 19.81 1.37 -22.07
N ALA A 353 19.32 2.26 -21.20
CA ALA A 353 19.22 3.68 -21.52
C ALA A 353 20.58 4.24 -21.98
N ALA A 354 21.62 3.95 -21.18
CA ALA A 354 22.97 4.43 -21.40
C ALA A 354 23.54 4.00 -22.75
N GLU A 355 23.44 2.71 -23.06
CA GLU A 355 23.88 2.18 -24.34
C GLU A 355 23.22 2.79 -25.56
N GLY A 356 22.11 3.51 -25.37
CA GLY A 356 21.40 4.13 -26.49
C GLY A 356 20.64 3.10 -27.29
N ASP A 357 20.37 1.98 -26.64
CA ASP A 357 19.61 0.88 -27.21
C ASP A 357 18.15 1.22 -27.53
N LEU A 358 17.58 2.18 -26.80
CA LEU A 358 16.13 2.30 -26.60
C LEU A 358 15.43 3.52 -27.22
N GLU A 359 14.26 3.29 -27.79
N GLU A 359 14.27 3.29 -27.84
CA GLU A 359 13.45 4.36 -28.37
CA GLU A 359 13.43 4.36 -28.36
C GLU A 359 12.89 5.23 -27.25
C GLU A 359 12.98 5.22 -27.19
N PRO A 360 13.22 6.54 -27.24
CA PRO A 360 12.83 7.40 -26.10
C PRO A 360 11.31 7.53 -25.92
N GLY A 361 10.88 7.39 -24.66
CA GLY A 361 9.49 7.47 -24.29
C GLY A 361 9.29 7.05 -22.84
N ASP A 362 8.04 6.75 -22.51
CA ASP A 362 7.68 6.20 -21.19
C ASP A 362 8.06 4.74 -21.08
N TYR A 363 8.59 4.35 -19.93
CA TYR A 363 8.99 2.98 -19.66
C TYR A 363 8.52 2.58 -18.24
N VAL A 364 7.77 1.49 -18.15
CA VAL A 364 7.16 1.10 -16.89
C VAL A 364 8.06 0.08 -16.18
N VAL A 365 8.62 0.41 -15.03
CA VAL A 365 9.43 -0.58 -14.33
C VAL A 365 8.58 -1.22 -13.23
N VAL A 366 8.59 -2.55 -13.11
CA VAL A 366 7.76 -3.23 -12.12
C VAL A 366 8.56 -3.44 -10.86
N VAL A 367 8.07 -2.91 -9.74
CA VAL A 367 8.78 -3.04 -8.51
C VAL A 367 8.04 -4.13 -7.73
N PRO A 368 8.72 -5.26 -7.44
CA PRO A 368 8.04 -6.42 -6.81
C PRO A 368 7.62 -6.23 -5.35
N ASP A 369 8.43 -5.54 -4.53
CA ASP A 369 8.08 -5.24 -3.16
C ASP A 369 8.77 -4.00 -2.55
N THR A 370 8.50 -3.80 -1.26
CA THR A 370 9.02 -2.69 -0.50
C THR A 370 10.40 -2.99 0.10
N GLY A 371 11.29 -2.00 0.05
CA GLY A 371 12.63 -2.13 0.62
C GLY A 371 12.61 -2.29 2.11
N PHE A 372 11.45 -2.06 2.73
CA PHE A 372 11.36 -2.21 4.17
C PHE A 372 11.72 -3.60 4.62
N LYS A 373 11.57 -4.58 3.74
CA LYS A 373 11.79 -5.98 4.09
C LYS A 373 13.29 -6.39 4.06
N TYR A 374 14.17 -5.44 3.73
CA TYR A 374 15.55 -5.76 3.37
C TYR A 374 16.60 -4.97 4.16
N LEU A 375 16.39 -4.85 5.46
CA LEU A 375 17.14 -3.88 6.24
C LEU A 375 18.61 -4.19 6.34
N SER A 376 19.01 -5.46 6.31
CA SER A 376 20.46 -5.65 6.38
C SER A 376 21.20 -5.47 5.03
N LEU A 377 20.44 -5.42 3.94
CA LEU A 377 21.03 -5.16 2.63
C LEU A 377 21.09 -3.66 2.41
N VAL A 378 20.14 -2.98 3.04
CA VAL A 378 20.14 -1.53 3.12
C VAL A 378 21.35 -1.12 3.97
N GLN A 379 21.49 -1.76 5.13
CA GLN A 379 22.64 -1.57 6.02
C GLN A 379 23.97 -1.77 5.30
N ASN A 380 24.06 -2.85 4.51
CA ASN A 380 25.27 -3.12 3.72
C ASN A 380 25.50 -2.12 2.62
N ALA A 381 24.42 -1.59 2.05
CA ALA A 381 24.50 -0.65 0.94
C ALA A 381 24.87 0.73 1.46
N LEU A 382 24.87 0.87 2.77
CA LEU A 382 25.23 2.15 3.38
C LEU A 382 26.67 2.11 3.87
N GLU A 383 27.23 0.89 3.90
CA GLU A 383 28.68 0.58 4.00
C GLU A 383 29.27 0.72 5.40
N ALA B 2 -23.21 31.19 -4.45
CA ALA B 2 -22.23 30.76 -5.49
C ALA B 2 -20.98 30.18 -4.79
N LEU B 3 -20.06 29.59 -5.55
CA LEU B 3 -18.90 28.93 -4.95
C LEU B 3 -17.60 29.38 -5.62
N ALA B 4 -16.52 29.33 -4.85
CA ALA B 4 -15.18 29.67 -5.35
C ALA B 4 -14.16 28.67 -4.83
N ASP B 5 -13.22 28.34 -5.71
CA ASP B 5 -12.08 27.48 -5.46
C ASP B 5 -11.30 27.91 -4.25
N ILE B 6 -11.22 27.08 -3.23
CA ILE B 6 -10.46 27.47 -2.08
C ILE B 6 -8.94 27.67 -2.30
N SER B 7 -8.37 27.26 -3.43
CA SER B 7 -6.93 27.54 -3.64
C SER B 7 -6.54 29.03 -3.73
N GLY B 8 -7.42 29.87 -4.30
CA GLY B 8 -7.21 31.33 -4.33
C GLY B 8 -7.30 32.03 -2.97
N TYR B 9 -7.46 31.26 -1.91
CA TYR B 9 -7.70 31.78 -0.59
C TYR B 9 -6.73 31.18 0.43
N LEU B 10 -5.74 30.43 -0.02
CA LEU B 10 -4.95 29.62 0.90
C LEU B 10 -3.89 30.35 1.72
N ASP B 11 -3.78 31.66 1.53
CA ASP B 11 -2.95 32.50 2.40
C ASP B 11 -3.43 32.49 3.85
N VAL B 12 -4.75 32.44 4.06
CA VAL B 12 -5.27 32.23 5.40
C VAL B 12 -4.36 31.24 6.18
N LEU B 13 -3.91 30.17 5.56
CA LEU B 13 -3.07 29.19 6.28
C LEU B 13 -1.82 29.80 6.90
N ASP B 14 -1.23 30.81 6.25
CA ASP B 14 -0.02 31.48 6.78
C ASP B 14 -0.26 32.29 8.05
N SER B 15 -1.38 33.00 8.09
CA SER B 15 -1.61 33.98 9.13
C SER B 15 -2.54 33.57 10.27
N VAL B 16 -3.58 32.75 10.05
CA VAL B 16 -4.50 32.36 11.16
C VAL B 16 -3.73 31.62 12.27
N ARG B 17 -4.04 31.90 13.53
CA ARG B 17 -3.35 31.24 14.66
C ARG B 17 -4.44 30.87 15.64
N GLY B 18 -4.15 29.96 16.57
CA GLY B 18 -5.16 29.57 17.56
C GLY B 18 -6.18 28.53 17.12
N PHE B 19 -6.97 28.06 18.10
CA PHE B 19 -7.90 26.94 17.91
C PHE B 19 -9.28 27.49 17.73
N SER B 20 -9.31 28.76 17.36
CA SER B 20 -10.56 29.46 17.45
C SER B 20 -11.45 29.21 16.22
N TYR B 21 -10.86 29.15 15.03
CA TYR B 21 -11.55 28.70 13.80
C TYR B 21 -12.20 27.32 13.98
N LEU B 22 -11.56 26.44 14.76
CA LEU B 22 -12.13 25.11 15.00
C LEU B 22 -13.61 25.16 15.35
N GLU B 23 -14.08 26.29 15.85
CA GLU B 23 -15.49 26.47 16.19
C GLU B 23 -16.38 26.58 14.95
N ASN B 24 -15.85 27.16 13.88
CA ASN B 24 -16.58 27.18 12.61
C ASN B 24 -16.54 25.81 11.93
N ALA B 25 -15.43 25.10 12.16
CA ALA B 25 -15.28 23.75 11.68
C ALA B 25 -16.34 22.80 12.29
N ARG B 26 -16.45 22.76 13.63
CA ARG B 26 -17.51 21.99 14.27
C ARG B 26 -18.91 22.38 13.78
N GLU B 27 -19.20 23.67 13.67
CA GLU B 27 -20.52 24.09 13.26
C GLU B 27 -20.88 23.71 11.81
N VAL B 28 -19.93 23.86 10.87
CA VAL B 28 -20.20 23.55 9.47
C VAL B 28 -20.45 22.03 9.32
N LEU B 29 -19.64 21.24 10.03
CA LEU B 29 -19.77 19.84 10.04
C LEU B 29 -21.10 19.45 10.67
N ARG B 30 -21.44 20.08 11.81
CA ARG B 30 -22.64 19.69 12.58
C ARG B 30 -23.89 20.11 11.82
N SER B 31 -23.86 21.25 11.14
CA SER B 31 -25.08 21.71 10.53
C SER B 31 -25.07 21.19 9.11
N GLY B 32 -23.88 20.75 8.69
CA GLY B 32 -23.68 20.22 7.36
C GLY B 32 -23.74 21.25 6.27
N GLU B 33 -23.80 22.51 6.63
CA GLU B 33 -23.72 23.60 5.64
C GLU B 33 -22.78 24.73 6.04
N ALA B 34 -22.54 25.65 5.11
CA ALA B 34 -21.69 26.78 5.39
C ALA B 34 -22.32 27.95 4.74
N ARG B 35 -22.37 29.06 5.48
CA ARG B 35 -23.06 30.25 4.97
C ARG B 35 -22.12 31.08 4.10
N CYS B 36 -22.63 31.53 2.97
CA CYS B 36 -21.92 32.43 2.05
C CYS B 36 -21.21 33.59 2.72
N LEU B 37 -20.07 33.96 2.16
CA LEU B 37 -19.26 35.02 2.72
C LEU B 37 -19.21 36.18 1.76
N GLY B 38 -19.64 37.34 2.27
CA GLY B 38 -19.82 38.57 1.48
C GLY B 38 -18.56 38.96 0.75
N ASN B 39 -17.46 39.08 1.51
CA ASN B 39 -16.13 38.96 0.96
C ASN B 39 -15.24 38.15 1.91
N PRO B 40 -14.89 36.93 1.47
CA PRO B 40 -14.20 35.84 2.16
C PRO B 40 -12.92 36.23 2.89
N ARG B 41 -12.05 37.00 2.24
CA ARG B 41 -10.75 37.33 2.82
C ARG B 41 -10.88 38.16 4.09
N SER B 42 -12.02 38.77 4.30
CA SER B 42 -12.24 39.43 5.58
C SER B 42 -12.42 38.41 6.69
N GLU B 43 -12.72 37.17 6.34
CA GLU B 43 -13.09 36.17 7.35
C GLU B 43 -12.20 34.91 7.34
N PRO B 44 -10.89 35.08 7.57
CA PRO B 44 -9.91 34.00 7.41
C PRO B 44 -10.15 32.83 8.35
N GLU B 45 -10.70 33.09 9.51
CA GLU B 45 -11.18 32.05 10.40
C GLU B 45 -12.06 31.02 9.68
N TYR B 46 -13.00 31.51 8.87
CA TYR B 46 -14.03 30.67 8.26
C TYR B 46 -13.42 29.88 7.11
N VAL B 47 -12.72 30.61 6.23
CA VAL B 47 -11.96 29.98 5.19
C VAL B 47 -11.04 28.82 5.71
N LYS B 48 -10.19 29.10 6.69
CA LYS B 48 -9.39 28.00 7.21
C LYS B 48 -10.25 26.83 7.68
N ALA B 49 -11.29 27.10 8.47
CA ALA B 49 -12.12 25.98 8.96
C ALA B 49 -12.55 25.12 7.76
N LEU B 50 -13.12 25.72 6.71
CA LEU B 50 -13.51 24.99 5.52
C LEU B 50 -12.37 24.16 4.95
N TYR B 51 -11.14 24.71 4.92
CA TYR B 51 -10.03 23.92 4.37
C TYR B 51 -9.73 22.75 5.31
N VAL B 52 -9.68 23.06 6.58
CA VAL B 52 -9.31 22.02 7.51
C VAL B 52 -10.29 20.82 7.48
N ILE B 53 -11.56 21.02 7.09
CA ILE B 53 -12.48 19.87 7.00
C ILE B 53 -12.51 19.13 5.63
N GLY B 54 -11.66 19.58 4.69
CA GLY B 54 -11.60 18.97 3.40
C GLY B 54 -12.36 19.67 2.29
N ALA B 55 -12.88 20.86 2.53
CA ALA B 55 -13.52 21.55 1.43
C ALA B 55 -12.51 21.98 0.34
N SER B 56 -12.99 21.98 -0.90
CA SER B 56 -12.17 22.45 -2.03
C SER B 56 -12.88 23.66 -2.61
N ARG B 57 -14.04 23.98 -2.06
CA ARG B 57 -14.67 25.24 -2.43
C ARG B 57 -15.17 26.00 -1.21
N ILE B 58 -15.24 27.32 -1.34
CA ILE B 58 -15.82 28.19 -0.33
C ILE B 58 -17.06 28.85 -0.91
N PRO B 59 -18.07 29.12 -0.06
CA PRO B 59 -19.29 29.78 -0.50
C PRO B 59 -19.09 31.28 -0.54
N VAL B 60 -19.29 31.87 -1.69
CA VAL B 60 -19.20 33.32 -1.91
C VAL B 60 -20.62 33.92 -2.07
N GLY B 61 -20.82 35.15 -1.61
CA GLY B 61 -22.06 35.90 -1.90
C GLY B 61 -22.87 36.28 -0.66
N ASP B 62 -24.05 36.84 -0.90
CA ASP B 62 -24.84 37.44 0.18
C ASP B 62 -26.06 36.62 0.65
N GLY B 63 -25.90 35.92 1.78
CA GLY B 63 -26.99 35.12 2.39
C GLY B 63 -27.46 33.86 1.65
N CYS B 64 -26.55 33.24 0.89
CA CYS B 64 -26.73 31.86 0.43
C CYS B 64 -26.01 30.87 1.38
N SER B 65 -26.29 29.57 1.22
CA SER B 65 -25.55 28.50 1.88
C SER B 65 -25.24 27.43 0.88
N HIS B 66 -24.25 26.62 1.22
CA HIS B 66 -23.90 25.46 0.46
C HIS B 66 -23.61 24.32 1.41
N THR B 67 -23.88 23.10 0.93
CA THR B 67 -23.70 21.89 1.72
C THR B 67 -22.26 21.37 1.61
N LEU B 68 -21.86 20.55 2.58
CA LEU B 68 -20.54 19.87 2.55
C LEU B 68 -20.17 19.25 1.18
N GLU B 69 -21.17 18.61 0.60
N GLU B 69 -21.14 18.64 0.53
CA GLU B 69 -21.13 18.03 -0.72
CA GLU B 69 -20.89 18.05 -0.76
C GLU B 69 -20.80 19.08 -1.78
C GLU B 69 -20.78 19.10 -1.86
N GLU B 70 -21.56 20.16 -1.77
CA GLU B 70 -21.35 21.28 -2.67
C GLU B 70 -19.97 21.91 -2.46
N LEU B 71 -19.50 21.89 -1.23
CA LEU B 71 -18.20 22.46 -0.90
C LEU B 71 -17.03 21.56 -1.24
N GLY B 72 -17.32 20.30 -1.52
CA GLY B 72 -16.30 19.39 -2.02
C GLY B 72 -15.72 18.54 -0.91
N VAL B 73 -16.38 18.57 0.25
CA VAL B 73 -15.88 17.80 1.39
C VAL B 73 -15.87 16.31 1.05
N PHE B 74 -16.75 15.92 0.12
CA PHE B 74 -16.86 14.54 -0.31
C PHE B 74 -16.00 14.16 -1.52
N ASP B 75 -15.41 15.10 -2.26
CA ASP B 75 -14.67 14.73 -3.47
C ASP B 75 -13.29 14.25 -3.18
N ILE B 76 -13.19 13.25 -2.32
CA ILE B 76 -11.98 12.45 -2.16
C ILE B 76 -12.25 11.02 -2.71
N SER B 77 -11.52 10.67 -3.76
CA SER B 77 -11.71 9.47 -4.57
C SER B 77 -10.37 9.02 -5.07
N VAL B 78 -10.16 7.71 -5.25
CA VAL B 78 -8.91 7.32 -5.93
C VAL B 78 -9.11 7.49 -7.41
N PRO B 79 -8.02 7.78 -8.17
CA PRO B 79 -8.30 7.79 -9.58
C PRO B 79 -8.48 6.32 -10.06
N GLY B 80 -9.42 6.14 -10.99
CA GLY B 80 -9.76 4.80 -11.40
C GLY B 80 -8.62 4.01 -11.98
N GLU B 81 -7.71 4.73 -12.63
CA GLU B 81 -6.64 4.08 -13.30
C GLU B 81 -5.34 4.03 -12.48
N MET B 82 -5.28 4.68 -11.30
CA MET B 82 -4.08 4.73 -10.42
C MET B 82 -2.76 5.18 -11.06
N VAL B 83 -2.86 6.15 -11.95
CA VAL B 83 -1.65 6.82 -12.51
C VAL B 83 -1.25 8.16 -11.83
N PHE B 84 -0.04 8.20 -11.27
CA PHE B 84 0.38 9.42 -10.59
C PHE B 84 1.64 10.05 -11.24
N PRO B 85 1.50 11.28 -11.86
CA PRO B 85 2.64 11.97 -12.52
C PRO B 85 3.80 12.44 -11.64
N SER B 86 3.73 12.20 -10.34
CA SER B 86 4.88 12.51 -9.47
C SER B 86 4.67 11.79 -8.17
N PRO B 87 5.71 11.64 -7.36
CA PRO B 87 5.50 11.03 -6.05
C PRO B 87 4.63 11.88 -5.09
N LEU B 88 4.77 13.21 -5.12
CA LEU B 88 3.92 14.06 -4.30
C LEU B 88 2.46 13.94 -4.75
N ASP B 89 2.26 13.96 -6.07
CA ASP B 89 0.91 13.84 -6.61
C ASP B 89 0.24 12.48 -6.13
N PHE B 90 1.08 11.46 -5.93
CA PHE B 90 0.66 10.13 -5.48
C PHE B 90 0.24 10.14 -4.03
N PHE B 91 1.05 10.77 -3.16
CA PHE B 91 0.62 11.01 -1.79
C PHE B 91 -0.73 11.73 -1.74
N GLU B 92 -0.86 12.75 -2.55
CA GLU B 92 -2.08 13.54 -2.56
C GLU B 92 -3.29 12.77 -3.07
N ARG B 93 -3.12 12.14 -4.23
CA ARG B 93 -4.25 11.46 -4.90
C ARG B 93 -4.45 9.94 -4.60
N GLY B 94 -3.40 9.26 -4.13
CA GLY B 94 -3.51 7.86 -3.78
C GLY B 94 -4.36 7.69 -2.54
N LYS B 95 -5.51 8.35 -2.53
CA LYS B 95 -6.27 8.50 -1.30
C LYS B 95 -7.73 8.37 -1.60
N PRO B 96 -8.51 7.88 -0.65
CA PRO B 96 -8.22 7.49 0.75
C PRO B 96 -7.40 6.24 0.96
N THR B 97 -6.77 6.08 2.11
CA THR B 97 -6.25 4.78 2.39
C THR B 97 -7.40 3.78 2.50
N PRO B 98 -7.08 2.45 2.40
CA PRO B 98 -8.05 1.40 2.51
C PRO B 98 -8.84 1.30 3.79
N LEU B 99 -10.14 1.19 3.63
CA LEU B 99 -10.97 0.79 4.78
C LEU B 99 -11.51 -0.62 4.48
N VAL B 100 -11.11 -1.60 5.30
CA VAL B 100 -11.44 -2.97 5.02
C VAL B 100 -12.19 -3.69 6.19
N ARG B 101 -13.38 -4.21 5.93
CA ARG B 101 -14.12 -4.93 7.01
C ARG B 101 -13.32 -6.14 7.52
N SER B 102 -12.97 -6.18 8.79
CA SER B 102 -12.38 -7.38 9.36
C SER B 102 -13.44 -8.48 9.43
N ARG B 103 -12.99 -9.73 9.48
CA ARG B 103 -13.91 -10.82 9.80
C ARG B 103 -14.03 -11.13 11.29
N LEU B 104 -13.10 -10.64 12.10
CA LEU B 104 -13.11 -10.89 13.54
C LEU B 104 -14.50 -10.65 14.11
N GLN B 105 -14.93 -11.53 15.00
CA GLN B 105 -16.26 -11.39 15.56
C GLN B 105 -16.15 -10.86 16.98
N LEU B 106 -16.86 -9.77 17.20
CA LEU B 106 -16.80 -9.07 18.45
C LEU B 106 -18.14 -9.13 19.18
N PRO B 107 -18.09 -9.08 20.53
CA PRO B 107 -19.34 -9.21 21.31
C PRO B 107 -20.36 -8.10 21.02
N ASN B 108 -21.64 -8.40 21.28
CA ASN B 108 -22.69 -7.37 21.28
C ASN B 108 -22.76 -6.49 20.02
N GLY B 109 -22.82 -7.08 18.85
CA GLY B 109 -23.06 -6.32 17.60
C GLY B 109 -22.00 -5.34 17.08
N VAL B 110 -20.79 -5.34 17.69
CA VAL B 110 -19.69 -4.38 17.37
C VAL B 110 -18.81 -4.84 16.18
N ARG B 111 -19.00 -4.21 15.01
CA ARG B 111 -18.34 -4.60 13.73
C ARG B 111 -17.01 -3.85 13.37
N VAL B 112 -15.94 -4.58 13.12
CA VAL B 112 -14.62 -3.98 12.97
C VAL B 112 -14.34 -3.74 11.51
N TRP B 113 -13.88 -2.55 11.18
CA TRP B 113 -13.32 -2.24 9.82
C TRP B 113 -11.94 -1.73 10.08
N LEU B 114 -10.97 -1.98 9.21
CA LEU B 114 -9.64 -1.49 9.52
C LEU B 114 -9.24 -0.51 8.46
N LYS B 115 -8.82 0.69 8.88
CA LYS B 115 -8.29 1.70 7.96
C LYS B 115 -6.82 1.51 7.97
N LEU B 116 -6.27 1.33 6.77
CA LEU B 116 -4.96 0.77 6.63
C LEU B 116 -3.96 1.84 6.35
N GLU B 117 -3.45 2.44 7.45
CA GLU B 117 -2.50 3.57 7.28
C GLU B 117 -1.12 3.19 6.74
N TRP B 118 -0.91 1.92 6.37
CA TRP B 118 0.39 1.67 5.74
C TRP B 118 0.38 1.99 4.25
N TYR B 119 -0.81 2.26 3.72
CA TYR B 119 -0.91 2.61 2.33
C TYR B 119 -0.30 3.95 2.00
N ASN B 120 0.11 4.71 3.01
CA ASN B 120 0.88 5.88 2.78
C ASN B 120 2.29 5.55 2.26
N PRO B 121 2.66 6.15 1.12
CA PRO B 121 3.79 5.64 0.34
C PRO B 121 5.17 5.66 0.92
N PHE B 122 5.45 6.59 1.83
CA PHE B 122 6.80 6.94 2.24
C PHE B 122 7.28 6.18 3.49
N SER B 123 6.71 6.41 4.66
CA SER B 123 7.08 5.57 5.84
C SER B 123 6.19 4.36 5.97
N LEU B 124 5.27 4.20 5.02
CA LEU B 124 4.30 3.12 5.11
C LEU B 124 3.63 3.21 6.47
N SER B 125 3.04 4.35 6.74
CA SER B 125 2.55 4.64 8.07
C SER B 125 1.84 5.95 8.02
N VAL B 126 1.01 6.12 9.04
CA VAL B 126 0.14 7.26 9.23
C VAL B 126 0.93 8.54 9.40
N ALA B 127 2.15 8.43 9.92
CA ALA B 127 3.01 9.58 10.10
C ALA B 127 3.40 10.25 8.80
N ASP B 128 3.10 9.66 7.66
CA ASP B 128 3.28 10.36 6.41
C ASP B 128 2.46 11.64 6.32
N ARG B 129 1.21 11.58 6.77
CA ARG B 129 0.29 12.70 6.58
C ARG B 129 0.76 14.01 7.27
N PRO B 130 1.17 13.93 8.56
CA PRO B 130 1.67 15.15 9.16
C PRO B 130 2.94 15.61 8.49
N ALA B 131 3.84 14.69 8.16
CA ALA B 131 5.10 15.12 7.54
C ALA B 131 4.85 16.03 6.37
N VAL B 132 3.81 15.73 5.61
CA VAL B 132 3.69 16.36 4.31
C VAL B 132 3.09 17.71 4.50
N GLU B 133 2.07 17.76 5.37
CA GLU B 133 1.41 19.01 5.66
C GLU B 133 2.34 19.97 6.39
N ILE B 134 3.20 19.44 7.27
CA ILE B 134 4.15 20.25 7.98
C ILE B 134 5.26 20.82 7.05
N ILE B 135 5.80 20.02 6.16
CA ILE B 135 6.89 20.54 5.29
C ILE B 135 6.30 21.50 4.24
N SER B 136 5.21 21.14 3.58
CA SER B 136 4.57 22.08 2.66
C SER B 136 4.23 23.43 3.28
N ARG B 137 3.43 23.48 4.33
CA ARG B 137 3.19 24.71 5.09
C ARG B 137 4.50 25.57 5.06
N LEU B 138 5.53 25.05 5.67
CA LEU B 138 6.79 25.71 5.81
C LEU B 138 7.55 25.99 4.49
N SER B 139 7.19 25.31 3.43
CA SER B 139 8.02 25.28 2.21
C SER B 139 8.08 26.66 1.60
N ARG B 140 7.10 27.47 1.96
CA ARG B 140 7.03 28.88 1.65
C ARG B 140 8.20 29.71 2.23
N ARG B 141 8.16 29.85 3.54
CA ARG B 141 8.99 30.79 4.25
C ARG B 141 10.38 30.24 4.62
N VAL B 142 10.72 29.02 4.23
CA VAL B 142 12.02 28.48 4.67
C VAL B 142 12.85 28.15 3.46
N GLU B 143 13.93 28.88 3.29
CA GLU B 143 14.81 28.69 2.16
C GLU B 143 15.15 27.21 2.02
N LYS B 144 15.28 26.78 0.77
CA LYS B 144 15.59 25.40 0.45
C LYS B 144 16.98 25.11 0.96
N GLY B 145 17.34 23.84 1.11
CA GLY B 145 18.67 23.51 1.61
C GLY B 145 18.78 23.66 3.11
N SER B 146 17.80 24.34 3.68
CA SER B 146 17.65 24.34 5.11
C SER B 146 17.61 22.92 5.72
N LEU B 147 18.10 22.79 6.91
CA LEU B 147 18.12 21.49 7.57
C LEU B 147 16.82 21.48 8.32
N VAL B 148 15.98 20.45 8.16
CA VAL B 148 14.84 20.31 9.11
C VAL B 148 15.13 19.15 10.05
N ALA B 149 14.31 18.93 11.08
CA ALA B 149 14.67 17.97 12.11
C ALA B 149 13.49 17.76 13.05
N ASP B 150 13.47 16.61 13.77
CA ASP B 150 12.50 16.32 14.88
C ASP B 150 12.89 15.07 15.69
N ALA B 151 12.26 14.95 16.88
CA ALA B 151 12.23 13.68 17.62
C ALA B 151 11.15 12.73 17.08
N THR B 152 11.44 11.43 17.16
CA THR B 152 10.55 10.38 16.63
C THR B 152 10.71 9.01 17.31
N SER B 153 9.61 8.24 17.33
CA SER B 153 9.66 6.83 17.74
C SER B 153 10.16 5.98 16.58
N SER B 154 9.92 6.43 15.33
CA SER B 154 10.50 5.81 14.10
C SER B 154 9.88 6.33 12.78
N ASN B 155 8.57 6.28 12.74
CA ASN B 155 7.83 6.46 11.52
C ASN B 155 7.98 7.87 11.01
N PHE B 156 7.47 8.82 11.80
CA PHE B 156 7.66 10.24 11.53
C PHE B 156 9.07 10.59 11.08
N GLY B 157 10.08 10.07 11.77
CA GLY B 157 11.43 10.32 11.28
C GLY B 157 11.63 9.87 9.86
N VAL B 158 11.05 8.71 9.50
CA VAL B 158 11.19 8.16 8.17
C VAL B 158 10.45 9.02 7.13
N ALA B 159 9.21 9.37 7.40
CA ALA B 159 8.39 10.18 6.49
C ALA B 159 9.03 11.55 6.29
N LEU B 160 9.55 12.10 7.40
CA LEU B 160 10.19 13.38 7.39
C LEU B 160 11.41 13.34 6.48
N SER B 161 12.22 12.28 6.60
CA SER B 161 13.43 12.26 5.78
C SER B 161 13.03 12.22 4.32
N ALA B 162 11.90 11.58 4.02
CA ALA B 162 11.49 11.39 2.66
C ALA B 162 10.82 12.64 2.10
N VAL B 163 9.95 13.24 2.90
CA VAL B 163 9.30 14.48 2.48
C VAL B 163 10.29 15.67 2.40
N ALA B 164 11.27 15.68 3.30
CA ALA B 164 12.42 16.55 3.16
C ALA B 164 12.96 16.56 1.71
N ARG B 165 13.24 15.39 1.15
CA ARG B 165 13.81 15.26 -0.19
C ARG B 165 12.89 15.79 -1.27
N LEU B 166 11.58 15.64 -1.10
CA LEU B 166 10.69 16.01 -2.18
C LEU B 166 10.50 17.50 -2.28
N TYR B 167 10.91 18.19 -1.21
CA TYR B 167 10.86 19.65 -1.07
C TYR B 167 12.20 20.38 -0.98
N GLY B 168 13.30 19.74 -1.39
CA GLY B 168 14.62 20.40 -1.29
C GLY B 168 15.07 20.77 0.12
N TYR B 169 14.67 20.04 1.17
CA TYR B 169 15.26 20.27 2.52
C TYR B 169 16.18 19.18 2.97
N ARG B 170 16.99 19.41 4.00
CA ARG B 170 17.79 18.31 4.60
C ARG B 170 17.15 17.92 5.91
N ALA B 171 17.41 16.69 6.35
CA ALA B 171 16.69 16.14 7.49
C ALA B 171 17.64 15.54 8.51
N ARG B 172 17.23 15.63 9.76
CA ARG B 172 17.91 14.99 10.85
C ARG B 172 16.82 14.48 11.80
N VAL B 173 17.00 13.24 12.25
CA VAL B 173 16.03 12.50 12.99
C VAL B 173 16.71 12.12 14.29
N TYR B 174 15.94 12.17 15.39
CA TYR B 174 16.40 11.90 16.76
C TYR B 174 15.53 10.82 17.34
N LEU B 175 16.17 9.73 17.71
CA LEU B 175 15.53 8.54 18.23
C LEU B 175 16.18 8.07 19.52
N PRO B 176 15.34 7.57 20.43
CA PRO B 176 15.76 6.93 21.68
C PRO B 176 16.32 5.56 21.37
N GLY B 177 17.17 5.03 22.25
CA GLY B 177 17.74 3.66 22.08
C GLY B 177 16.71 2.60 21.74
N ALA B 178 15.57 2.60 22.42
CA ALA B 178 14.52 1.61 22.18
C ALA B 178 13.65 1.85 20.89
N ALA B 179 14.13 2.64 19.94
CA ALA B 179 13.40 2.79 18.69
C ALA B 179 13.64 1.54 17.87
N GLU B 180 12.76 1.26 16.92
CA GLU B 180 12.93 0.09 16.06
C GLU B 180 14.09 0.35 15.13
N GLU B 181 14.61 -0.71 14.47
CA GLU B 181 15.72 -0.59 13.51
C GLU B 181 15.36 0.10 12.20
N PHE B 182 14.12 -0.04 11.74
CA PHE B 182 13.79 0.61 10.51
C PHE B 182 13.90 2.14 10.75
N GLY B 183 13.49 2.56 11.95
CA GLY B 183 13.63 3.92 12.48
C GLY B 183 15.05 4.45 12.44
N LYS B 184 16.03 3.60 12.72
CA LYS B 184 17.43 4.03 12.76
C LYS B 184 18.07 4.04 11.39
N LEU B 185 17.64 3.13 10.54
CA LEU B 185 18.36 2.90 9.34
C LEU B 185 17.74 3.59 8.11
N LEU B 186 16.41 3.56 8.02
CA LEU B 186 15.79 4.04 6.82
C LEU B 186 15.97 5.56 6.52
N PRO B 187 15.99 6.44 7.56
CA PRO B 187 16.26 7.83 7.28
C PRO B 187 17.63 8.00 6.61
N ARG B 188 18.63 7.26 7.07
CA ARG B 188 19.96 7.28 6.40
C ARG B 188 19.86 6.90 4.91
N LEU B 189 18.96 5.98 4.58
CA LEU B 189 18.83 5.58 3.21
C LEU B 189 18.19 6.73 2.43
N LEU B 190 17.17 7.34 3.06
CA LEU B 190 16.54 8.57 2.55
C LEU B 190 17.48 9.81 2.55
N GLY B 191 18.67 9.66 3.14
CA GLY B 191 19.71 10.69 3.13
C GLY B 191 19.67 11.68 4.28
N ALA B 192 18.82 11.45 5.29
CA ALA B 192 18.87 12.15 6.56
C ALA B 192 20.08 11.73 7.37
N GLN B 193 20.49 12.58 8.32
CA GLN B 193 21.39 12.15 9.35
C GLN B 193 20.55 11.74 10.56
N VAL B 194 21.11 10.90 11.44
CA VAL B 194 20.37 10.16 12.49
C VAL B 194 21.17 10.22 13.81
N ILE B 195 20.48 10.39 14.93
CA ILE B 195 21.13 10.48 16.21
C ILE B 195 20.38 9.55 17.13
N VAL B 196 21.13 8.70 17.80
CA VAL B 196 20.51 7.81 18.75
C VAL B 196 21.02 8.06 20.15
N ASP B 197 20.09 8.09 21.10
CA ASP B 197 20.43 8.30 22.48
C ASP B 197 20.26 7.01 23.30
N PRO B 198 21.37 6.29 23.56
CA PRO B 198 21.18 4.92 24.01
C PRO B 198 20.30 4.91 25.25
N GLU B 199 20.47 5.89 26.13
CA GLU B 199 19.69 5.87 27.39
C GLU B 199 18.24 6.31 27.27
N ALA B 200 17.99 7.40 26.52
CA ALA B 200 16.65 8.00 26.43
C ALA B 200 15.51 7.00 26.55
N PRO B 201 14.80 7.06 27.66
CA PRO B 201 13.75 6.07 27.93
C PRO B 201 12.46 6.26 27.11
N SER B 202 12.44 7.22 26.18
CA SER B 202 11.20 7.57 25.45
C SER B 202 11.40 8.76 24.51
N THR B 203 10.49 8.88 23.54
CA THR B 203 10.58 9.85 22.44
C THR B 203 10.47 11.28 22.95
N VAL B 204 9.45 11.57 23.77
CA VAL B 204 9.24 12.93 24.26
C VAL B 204 10.38 13.41 25.13
N HIS B 205 11.01 12.48 25.86
CA HIS B 205 12.26 12.72 26.61
C HIS B 205 13.35 13.46 25.82
N LEU B 206 13.41 13.20 24.52
CA LEU B 206 14.42 13.78 23.63
C LEU B 206 14.17 15.24 23.21
N LEU B 207 13.01 15.80 23.51
CA LEU B 207 12.71 17.16 22.99
C LEU B 207 13.64 18.30 23.50
N PRO B 208 13.87 18.40 24.83
CA PRO B 208 14.89 19.32 25.33
C PRO B 208 16.14 19.38 24.43
N ARG B 209 16.74 18.23 24.16
CA ARG B 209 17.92 18.20 23.30
C ARG B 209 17.70 18.67 21.85
N VAL B 210 16.55 18.38 21.27
CA VAL B 210 16.35 18.82 19.89
C VAL B 210 16.23 20.35 19.83
N MET B 211 15.46 20.87 20.78
CA MET B 211 15.26 22.29 21.01
C MET B 211 16.54 23.05 21.25
N LYS B 212 17.36 22.52 22.17
CA LYS B 212 18.66 23.05 22.45
C LYS B 212 19.51 23.06 21.19
N ASP B 213 19.62 21.94 20.51
CA ASP B 213 20.44 21.82 19.31
C ASP B 213 19.99 22.73 18.18
N SER B 214 18.66 22.93 18.11
CA SER B 214 18.00 23.78 17.15
C SER B 214 18.49 25.19 17.35
N LYS B 215 18.59 25.58 18.63
CA LYS B 215 19.01 26.96 18.97
C LYS B 215 20.43 27.20 18.61
N ASN B 216 21.32 26.25 18.94
CA ASN B 216 22.73 26.36 18.58
C ASN B 216 22.98 26.31 17.08
N GLU B 217 22.38 25.34 16.40
CA GLU B 217 22.76 25.06 15.01
C GLU B 217 21.84 25.75 14.00
N GLY B 218 20.61 26.02 14.42
CA GLY B 218 19.71 26.80 13.62
C GLY B 218 19.01 26.04 12.54
N PHE B 219 18.62 24.80 12.85
CA PHE B 219 17.71 24.08 11.96
C PHE B 219 16.28 24.33 12.44
N VAL B 220 15.32 23.92 11.63
CA VAL B 220 13.95 24.12 12.00
C VAL B 220 13.44 22.92 12.81
N HIS B 221 13.08 23.11 14.04
CA HIS B 221 12.66 21.95 14.79
C HIS B 221 11.19 21.92 14.48
N VAL B 222 10.68 20.96 13.69
CA VAL B 222 9.26 21.11 13.20
C VAL B 222 8.26 20.52 14.24
N ASN B 223 8.83 19.93 15.30
CA ASN B 223 8.09 19.52 16.51
C ASN B 223 6.65 19.10 16.30
N GLN B 224 6.45 17.88 15.82
CA GLN B 224 5.18 17.21 15.59
C GLN B 224 4.29 17.09 16.83
N PHE B 225 4.91 17.11 18.02
CA PHE B 225 4.12 17.11 19.28
C PHE B 225 3.42 18.42 19.44
N TYR B 226 3.95 19.49 18.85
CA TYR B 226 3.28 20.78 19.08
C TYR B 226 2.78 21.49 17.85
N ASN B 227 3.33 21.11 16.69
CA ASN B 227 3.01 21.70 15.41
C ASN B 227 1.56 21.44 14.99
N ASP B 228 0.80 22.50 14.74
CA ASP B 228 -0.64 22.29 14.53
C ASP B 228 -0.96 21.75 13.14
N ALA B 229 0.04 21.79 12.24
CA ALA B 229 -0.08 21.17 10.92
C ALA B 229 -0.33 19.66 10.99
N ASN B 230 0.27 19.00 11.98
CA ASN B 230 -0.04 17.62 12.36
C ASN B 230 -1.54 17.38 12.49
N PHE B 231 -2.18 18.01 13.44
CA PHE B 231 -3.64 17.90 13.62
C PHE B 231 -4.41 18.31 12.31
N GLU B 232 -3.87 19.22 11.52
CA GLU B 232 -4.66 19.71 10.39
C GLU B 232 -4.54 18.71 9.22
N ALA B 233 -3.39 18.04 9.14
CA ALA B 233 -3.17 16.95 8.17
C ALA B 233 -4.20 15.83 8.41
N HIS B 234 -4.35 15.40 9.65
CA HIS B 234 -5.30 14.34 9.97
C HIS B 234 -6.76 14.80 9.95
N MET B 235 -7.04 16.06 10.25
CA MET B 235 -8.42 16.55 10.08
C MET B 235 -8.87 16.41 8.65
N ARG B 236 -7.99 16.76 7.72
CA ARG B 236 -8.42 16.82 6.34
C ARG B 236 -8.12 15.57 5.54
N GLY B 237 -7.18 14.75 6.04
CA GLY B 237 -6.91 13.46 5.42
C GLY B 237 -7.66 12.40 6.20
N THR B 238 -6.94 11.77 7.13
CA THR B 238 -7.46 10.66 7.87
C THR B 238 -8.90 10.83 8.30
N ALA B 239 -9.18 11.92 8.99
CA ALA B 239 -10.45 12.06 9.62
C ALA B 239 -11.55 12.36 8.60
N ARG B 240 -11.28 13.21 7.61
CA ARG B 240 -12.34 13.46 6.63
C ARG B 240 -12.57 12.15 5.84
N GLU B 241 -11.51 11.36 5.68
CA GLU B 241 -11.65 10.07 4.97
C GLU B 241 -12.59 9.13 5.74
N ILE B 242 -12.34 8.89 7.01
CA ILE B 242 -13.25 8.04 7.77
C ILE B 242 -14.70 8.50 7.57
N PHE B 243 -14.92 9.79 7.75
CA PHE B 243 -16.22 10.38 7.52
C PHE B 243 -16.73 10.04 6.11
N VAL B 244 -15.93 10.31 5.09
CA VAL B 244 -16.44 10.18 3.72
C VAL B 244 -16.67 8.72 3.38
N GLN B 245 -15.71 7.90 3.79
CA GLN B 245 -15.73 6.46 3.60
C GLN B 245 -16.98 5.87 4.27
N SER B 246 -17.35 6.34 5.46
CA SER B 246 -18.51 5.75 6.16
C SER B 246 -19.83 6.04 5.44
N ARG B 247 -19.97 7.25 4.88
CA ARG B 247 -21.19 7.59 4.17
C ARG B 247 -21.35 6.84 2.86
N ARG B 248 -20.41 7.11 1.95
CA ARG B 248 -20.31 6.46 0.68
C ARG B 248 -20.34 4.95 0.80
N GLY B 249 -19.54 4.40 1.71
CA GLY B 249 -19.53 2.97 1.95
C GLY B 249 -20.69 2.44 2.77
N GLY B 250 -21.70 3.27 3.02
CA GLY B 250 -22.92 2.82 3.70
C GLY B 250 -22.76 2.20 5.09
N LEU B 251 -21.66 2.47 5.78
CA LEU B 251 -21.56 2.12 7.20
C LEU B 251 -22.52 2.92 8.07
N ALA B 252 -22.91 2.32 9.20
CA ALA B 252 -23.59 3.02 10.29
C ALA B 252 -22.55 3.19 11.42
N LEU B 253 -21.77 4.26 11.30
CA LEU B 253 -20.58 4.51 12.08
C LEU B 253 -20.97 4.95 13.50
N ARG B 254 -20.50 4.18 14.46
CA ARG B 254 -20.81 4.46 15.85
C ARG B 254 -19.59 4.67 16.68
N GLY B 255 -18.40 4.43 16.14
CA GLY B 255 -17.20 4.76 16.87
C GLY B 255 -15.91 4.58 16.07
N VAL B 256 -14.80 5.05 16.62
CA VAL B 256 -13.49 4.73 16.08
C VAL B 256 -12.65 4.39 17.25
N ALA B 257 -11.60 3.62 17.00
CA ALA B 257 -10.60 3.26 17.99
C ALA B 257 -9.21 3.56 17.42
N GLY B 258 -8.23 3.87 18.29
CA GLY B 258 -6.93 4.32 17.83
C GLY B 258 -5.92 4.40 18.96
N SER B 259 -4.67 4.64 18.59
CA SER B 259 -3.56 4.68 19.53
C SER B 259 -3.15 6.15 19.70
N LEU B 260 -2.35 6.46 20.74
CA LEU B 260 -1.85 7.85 20.95
C LEU B 260 -0.36 8.02 21.00
N GLY B 261 0.11 8.84 20.06
CA GLY B 261 1.49 9.31 19.97
C GLY B 261 1.57 10.80 20.35
N THR B 262 1.60 11.70 19.33
CA THR B 262 1.30 13.10 19.51
C THR B 262 -0.20 13.31 19.84
N SER B 263 -1.00 12.36 19.40
CA SER B 263 -2.50 12.41 19.43
C SER B 263 -3.03 13.12 18.23
N GLY B 264 -2.13 13.45 17.31
CA GLY B 264 -2.59 14.06 16.05
C GLY B 264 -3.84 13.45 15.42
N HIS B 265 -3.66 12.25 14.85
CA HIS B 265 -4.69 11.55 14.08
C HIS B 265 -5.93 11.18 14.91
N MET B 266 -5.71 10.73 16.14
CA MET B 266 -6.90 10.40 16.92
C MET B 266 -7.77 11.59 17.39
N SER B 267 -7.17 12.79 17.54
CA SER B 267 -7.90 13.90 18.00
C SER B 267 -8.68 14.45 16.80
N ALA B 268 -8.10 14.35 15.61
CA ALA B 268 -8.78 14.78 14.40
C ALA B 268 -9.99 13.92 14.19
N ALA B 269 -9.75 12.62 14.20
CA ALA B 269 -10.81 11.67 13.92
C ALA B 269 -11.91 11.93 14.95
N ALA B 270 -11.57 11.87 16.25
CA ALA B 270 -12.60 12.18 17.29
C ALA B 270 -13.28 13.52 17.09
N PHE B 271 -12.49 14.57 16.81
CA PHE B 271 -13.03 15.90 16.79
C PHE B 271 -13.93 16.10 15.57
N TYR B 272 -13.40 15.71 14.39
CA TYR B 272 -14.13 15.74 13.15
C TYR B 272 -15.49 15.06 13.32
N LEU B 273 -15.47 13.86 13.92
CA LEU B 273 -16.62 12.98 13.83
C LEU B 273 -17.65 13.31 14.87
N GLN B 274 -17.19 13.65 16.08
CA GLN B 274 -18.10 14.22 17.07
C GLN B 274 -18.79 15.53 16.60
N SER B 275 -18.19 16.27 15.66
CA SER B 275 -18.89 17.44 15.13
C SER B 275 -20.14 17.04 14.38
N VAL B 276 -20.03 15.99 13.53
CA VAL B 276 -21.18 15.51 12.77
C VAL B 276 -22.22 14.86 13.68
N ASP B 277 -21.76 14.10 14.69
CA ASP B 277 -22.64 13.31 15.58
C ASP B 277 -21.88 13.01 16.87
N PRO B 278 -22.20 13.75 17.95
CA PRO B 278 -21.46 13.68 19.23
C PRO B 278 -21.56 12.34 19.94
N SER B 279 -22.40 11.45 19.46
CA SER B 279 -22.55 10.14 20.10
C SER B 279 -21.57 9.14 19.54
N ILE B 280 -20.91 9.48 18.43
CA ILE B 280 -19.83 8.65 17.91
C ILE B 280 -18.76 8.55 18.99
N ARG B 281 -18.43 7.33 19.39
CA ARG B 281 -17.45 7.09 20.43
C ARG B 281 -16.00 7.22 19.95
N ALA B 282 -15.04 7.34 20.86
CA ALA B 282 -13.64 7.40 20.49
C ALA B 282 -12.84 6.57 21.47
N VAL B 283 -12.57 5.35 21.09
CA VAL B 283 -12.06 4.38 22.04
C VAL B 283 -10.57 4.40 21.85
N LEU B 284 -9.84 4.89 22.83
CA LEU B 284 -8.42 5.10 22.62
C LEU B 284 -7.67 4.15 23.53
N VAL B 285 -6.46 3.81 23.14
CA VAL B 285 -5.61 2.83 23.79
C VAL B 285 -4.75 3.41 24.87
N GLN B 286 -4.74 2.74 26.03
CA GLN B 286 -3.84 3.08 27.16
C GLN B 286 -2.79 1.99 27.30
N PRO B 287 -1.55 2.22 26.81
CA PRO B 287 -0.55 1.16 27.02
C PRO B 287 -0.37 0.87 28.51
N ALA B 288 -0.70 -0.37 28.91
CA ALA B 288 -0.57 -0.82 30.29
C ALA B 288 0.69 -0.23 30.91
N GLN B 289 0.50 0.29 32.12
CA GLN B 289 1.60 0.79 32.93
C GLN B 289 2.74 -0.24 32.93
N GLY B 290 3.96 0.23 32.60
CA GLY B 290 5.16 -0.59 32.60
C GLY B 290 5.44 -1.24 31.27
N ASP B 291 4.54 -1.02 30.32
CA ASP B 291 4.69 -1.65 29.02
C ASP B 291 4.96 -0.61 27.94
N SER B 292 5.89 -0.91 27.03
CA SER B 292 6.06 -0.14 25.80
C SER B 292 5.34 -0.81 24.63
N ILE B 293 4.59 -0.04 23.87
CA ILE B 293 4.09 -0.47 22.58
C ILE B 293 4.61 0.55 21.56
N PRO B 294 5.35 0.11 20.52
CA PRO B 294 6.15 1.09 19.74
C PRO B 294 5.27 2.16 19.07
N GLY B 295 5.66 3.43 19.25
CA GLY B 295 5.01 4.59 18.64
C GLY B 295 3.90 5.20 19.47
N ILE B 296 3.61 4.59 20.63
CA ILE B 296 2.52 5.08 21.45
C ILE B 296 2.86 5.25 22.92
N ARG B 297 2.05 6.06 23.62
CA ARG B 297 2.21 6.47 25.03
C ARG B 297 0.84 6.53 25.74
N ARG B 298 0.86 6.52 27.07
CA ARG B 298 -0.37 6.78 27.79
C ARG B 298 -0.70 8.25 27.69
N VAL B 299 -1.98 8.55 27.76
CA VAL B 299 -2.46 9.92 27.75
C VAL B 299 -1.70 10.65 28.82
N GLU B 300 -1.11 11.75 28.38
CA GLU B 300 -0.54 12.67 29.28
C GLU B 300 -1.28 13.99 29.15
N THR B 301 -1.30 14.72 30.25
CA THR B 301 -1.29 16.15 30.11
C THR B 301 0.16 16.46 29.60
N GLY B 302 0.29 17.18 28.50
CA GLY B 302 1.52 17.10 27.69
C GLY B 302 1.30 16.15 26.51
N MET B 303 0.05 16.13 26.07
CA MET B 303 -0.34 15.82 24.71
C MET B 303 -1.25 17.00 24.34
N LEU B 304 -0.98 17.60 23.20
CA LEU B 304 -1.67 18.80 22.81
C LEU B 304 -3.16 18.61 22.55
N TRP B 305 -3.52 18.10 21.37
CA TRP B 305 -4.87 18.30 20.87
C TRP B 305 -5.96 17.55 21.63
N ILE B 306 -5.60 16.40 22.19
CA ILE B 306 -6.50 15.59 22.97
C ILE B 306 -6.89 16.27 24.32
N ASN B 307 -5.99 17.07 24.90
CA ASN B 307 -6.32 17.88 26.08
C ASN B 307 -7.03 19.15 25.72
N MET B 308 -6.45 19.95 24.82
CA MET B 308 -6.99 21.27 24.62
C MET B 308 -8.35 21.25 23.92
N LEU B 309 -8.55 20.28 23.03
CA LEU B 309 -9.78 20.31 22.25
C LEU B 309 -11.01 19.68 22.91
N ASP B 310 -12.15 20.07 22.39
CA ASP B 310 -13.39 19.64 22.99
C ASP B 310 -13.86 18.27 22.47
N ILE B 311 -13.27 17.22 23.05
CA ILE B 311 -13.31 15.87 22.51
C ILE B 311 -13.73 14.92 23.61
N SER B 312 -14.76 14.09 23.37
CA SER B 312 -15.05 12.98 24.30
C SER B 312 -14.39 11.68 23.87
N TYR B 313 -13.95 10.89 24.85
CA TYR B 313 -13.32 9.64 24.56
C TYR B 313 -13.29 8.72 25.78
N THR B 314 -13.40 7.41 25.53
CA THR B 314 -13.07 6.43 26.57
C THR B 314 -11.65 5.99 26.38
N LEU B 315 -11.07 5.45 27.43
CA LEU B 315 -9.76 4.81 27.35
C LEU B 315 -9.92 3.34 27.70
N ALA B 316 -8.92 2.53 27.29
CA ALA B 316 -8.82 1.13 27.71
C ALA B 316 -7.35 0.75 27.86
N GLU B 317 -7.03 0.04 28.93
CA GLU B 317 -5.70 -0.52 29.18
C GLU B 317 -5.40 -1.63 28.21
N VAL B 318 -4.16 -1.71 27.74
CA VAL B 318 -3.75 -2.77 26.84
C VAL B 318 -2.28 -3.05 27.10
N THR B 319 -1.93 -4.30 27.30
CA THR B 319 -0.55 -4.62 27.55
C THR B 319 0.09 -4.86 26.18
N LEU B 320 1.41 -5.04 26.12
CA LEU B 320 2.05 -5.41 24.85
C LEU B 320 1.56 -6.81 24.42
N GLU B 321 1.64 -7.74 25.37
CA GLU B 321 1.26 -9.12 25.10
C GLU B 321 -0.13 -9.17 24.49
N GLU B 322 -1.05 -8.37 25.01
CA GLU B 322 -2.41 -8.42 24.52
C GLU B 322 -2.67 -7.55 23.30
N ALA B 323 -1.75 -6.65 22.97
CA ALA B 323 -1.79 -5.97 21.68
C ALA B 323 -1.30 -6.91 20.59
N MET B 324 -0.28 -7.68 20.91
CA MET B 324 0.26 -8.73 20.04
C MET B 324 -0.70 -9.90 19.77
N GLU B 325 -1.39 -10.38 20.81
CA GLU B 325 -2.50 -11.33 20.67
C GLU B 325 -3.49 -10.90 19.57
N ALA B 326 -3.80 -9.61 19.48
CA ALA B 326 -4.70 -9.11 18.41
C ALA B 326 -4.06 -9.09 17.03
N VAL B 327 -2.75 -8.80 16.96
CA VAL B 327 -2.00 -8.96 15.73
C VAL B 327 -2.17 -10.39 15.20
N VAL B 328 -1.78 -11.38 16.01
CA VAL B 328 -2.00 -12.80 15.74
C VAL B 328 -3.41 -13.01 15.23
N GLU B 329 -4.38 -12.69 16.07
CA GLU B 329 -5.79 -12.93 15.75
C GLU B 329 -6.22 -12.34 14.41
N VAL B 330 -5.69 -11.15 14.06
CA VAL B 330 -6.14 -10.45 12.81
C VAL B 330 -5.46 -11.10 11.63
N ALA B 331 -4.20 -11.44 11.83
CA ALA B 331 -3.40 -12.13 10.86
C ALA B 331 -4.13 -13.42 10.42
N ARG B 332 -4.43 -14.28 11.40
CA ARG B 332 -5.20 -15.51 11.22
C ARG B 332 -6.65 -15.37 10.76
N SER B 333 -7.31 -14.29 11.09
CA SER B 333 -8.70 -14.15 10.64
C SER B 333 -8.84 -13.46 9.31
N ASP B 334 -7.87 -12.64 8.93
CA ASP B 334 -8.11 -11.67 7.84
C ASP B 334 -6.96 -11.74 6.87
N GLY B 335 -5.85 -12.29 7.35
CA GLY B 335 -4.69 -12.45 6.47
C GLY B 335 -3.92 -11.17 6.25
N LEU B 336 -4.33 -10.13 6.95
CA LEU B 336 -3.70 -8.84 7.11
C LEU B 336 -2.79 -8.89 8.33
N VAL B 337 -1.54 -8.51 8.12
CA VAL B 337 -0.56 -8.35 9.20
C VAL B 337 -0.38 -6.87 9.65
N ILE B 338 -1.03 -6.55 10.77
CA ILE B 338 -1.03 -5.23 11.33
C ILE B 338 0.05 -5.04 12.35
N GLY B 339 0.22 -3.81 12.78
CA GLY B 339 1.31 -3.45 13.69
C GLY B 339 0.79 -3.47 15.10
N PRO B 340 1.72 -3.50 16.04
CA PRO B 340 1.38 -3.53 17.46
C PRO B 340 0.40 -2.43 17.89
N SER B 341 0.65 -1.20 17.46
CA SER B 341 -0.23 -0.11 17.84
C SER B 341 -1.63 -0.41 17.31
N GLY B 342 -1.68 -1.04 16.13
CA GLY B 342 -2.95 -1.47 15.52
C GLY B 342 -3.62 -2.58 16.34
N GLY B 343 -2.81 -3.52 16.84
CA GLY B 343 -3.34 -4.63 17.65
C GLY B 343 -4.06 -4.06 18.86
N ALA B 344 -3.27 -3.29 19.63
CA ALA B 344 -3.79 -2.51 20.73
C ALA B 344 -5.09 -1.81 20.38
N ALA B 345 -5.10 -1.04 19.30
CA ALA B 345 -6.34 -0.38 18.91
C ALA B 345 -7.45 -1.42 18.85
N VAL B 346 -7.22 -2.53 18.12
CA VAL B 346 -8.21 -3.56 17.98
C VAL B 346 -8.58 -4.16 19.34
N LYS B 347 -7.55 -4.50 20.12
CA LYS B 347 -7.75 -4.97 21.48
C LYS B 347 -8.61 -4.01 22.36
N ALA B 348 -8.20 -2.75 22.38
CA ALA B 348 -8.97 -1.78 23.11
C ALA B 348 -10.41 -1.88 22.67
N LEU B 349 -10.67 -2.00 21.36
CA LEU B 349 -12.07 -2.04 20.87
C LEU B 349 -12.81 -3.30 21.32
N ALA B 350 -12.08 -4.41 21.38
CA ALA B 350 -12.65 -5.66 21.88
C ALA B 350 -13.06 -5.50 23.33
N LYS B 351 -12.15 -4.98 24.15
CA LYS B 351 -12.44 -4.75 25.58
C LYS B 351 -13.73 -3.94 25.85
N LYS B 352 -13.88 -2.79 25.21
CA LYS B 352 -15.08 -1.99 25.39
C LYS B 352 -16.33 -2.67 24.87
N ALA B 353 -16.19 -3.43 23.78
CA ALA B 353 -17.32 -4.15 23.20
C ALA B 353 -17.85 -5.13 24.25
N ALA B 354 -16.98 -6.05 24.67
CA ALA B 354 -17.30 -7.02 25.74
C ALA B 354 -17.90 -6.37 27.00
N GLU B 355 -17.35 -5.21 27.41
CA GLU B 355 -17.86 -4.39 28.51
C GLU B 355 -19.35 -4.05 28.33
N GLY B 356 -19.78 -3.70 27.13
CA GLY B 356 -21.22 -3.50 26.87
C GLY B 356 -21.60 -2.06 26.64
N ASP B 357 -20.59 -1.19 26.61
CA ASP B 357 -20.81 0.24 26.50
C ASP B 357 -21.37 0.69 25.13
N LEU B 358 -21.09 -0.10 24.09
CA LEU B 358 -21.13 0.42 22.74
C LEU B 358 -22.39 0.10 21.99
N GLU B 359 -22.98 1.12 21.37
CA GLU B 359 -24.08 0.89 20.46
C GLU B 359 -23.62 -0.13 19.40
N PRO B 360 -24.48 -1.10 19.07
CA PRO B 360 -24.04 -1.96 17.98
C PRO B 360 -24.04 -1.15 16.67
N GLY B 361 -23.20 -1.56 15.72
CA GLY B 361 -22.98 -0.86 14.46
C GLY B 361 -21.51 -0.95 14.09
N ASP B 362 -21.11 -0.11 13.14
CA ASP B 362 -19.75 -0.16 12.56
C ASP B 362 -18.71 0.75 13.25
N TYR B 363 -17.56 0.19 13.63
CA TYR B 363 -16.44 0.91 14.25
C TYR B 363 -15.17 0.85 13.36
N VAL B 364 -14.47 1.98 13.22
CA VAL B 364 -13.28 2.07 12.38
C VAL B 364 -12.03 2.08 13.23
N VAL B 365 -11.23 1.03 13.16
CA VAL B 365 -10.00 0.98 13.93
C VAL B 365 -8.94 1.51 12.97
N VAL B 366 -8.21 2.56 13.34
CA VAL B 366 -7.15 3.13 12.48
C VAL B 366 -5.91 2.35 12.82
N VAL B 367 -5.30 1.79 11.77
CA VAL B 367 -4.16 0.92 11.89
C VAL B 367 -3.00 1.71 11.37
N PRO B 368 -2.13 2.11 12.28
CA PRO B 368 -1.02 3.00 12.01
C PRO B 368 -0.04 2.45 10.99
N ASP B 369 0.50 1.24 11.22
CA ASP B 369 1.49 0.78 10.27
C ASP B 369 1.38 -0.67 9.97
N THR B 370 2.37 -1.24 9.28
CA THR B 370 2.32 -2.67 8.96
C THR B 370 3.16 -3.50 9.91
N GLY B 371 2.53 -4.56 10.46
CA GLY B 371 3.21 -5.58 11.30
C GLY B 371 4.47 -6.11 10.67
N PHE B 372 4.59 -5.92 9.35
CA PHE B 372 5.76 -6.37 8.63
C PHE B 372 7.00 -5.78 9.23
N LYS B 373 6.89 -4.53 9.68
CA LYS B 373 8.01 -3.77 10.21
C LYS B 373 8.41 -4.23 11.62
N TYR B 374 7.66 -5.13 12.23
CA TYR B 374 7.90 -5.52 13.64
C TYR B 374 8.27 -6.98 13.90
N LEU B 375 9.32 -7.46 13.26
CA LEU B 375 9.54 -8.91 13.22
C LEU B 375 9.84 -9.54 14.59
N SER B 376 10.78 -8.96 15.34
CA SER B 376 11.09 -9.59 16.64
C SER B 376 9.88 -9.61 17.57
N LEU B 377 9.02 -8.59 17.50
CA LEU B 377 7.85 -8.58 18.38
C LEU B 377 6.87 -9.69 18.02
N VAL B 378 6.71 -9.88 16.72
CA VAL B 378 6.01 -11.01 16.13
C VAL B 378 6.57 -12.36 16.58
N GLN B 379 7.90 -12.56 16.52
CA GLN B 379 8.48 -13.80 17.02
C GLN B 379 8.03 -14.14 18.48
N ASN B 380 8.26 -13.21 19.40
CA ASN B 380 7.97 -13.42 20.81
C ASN B 380 6.48 -13.68 21.06
N ALA B 381 5.63 -13.12 20.21
CA ALA B 381 4.17 -13.33 20.31
C ALA B 381 3.75 -14.72 19.87
N LEU B 382 4.61 -15.35 19.05
CA LEU B 382 4.37 -16.70 18.60
C LEU B 382 4.62 -17.74 19.72
N GLU B 383 4.69 -17.26 20.97
CA GLU B 383 4.61 -18.10 22.18
C GLU B 383 3.25 -18.01 22.95
N GLY B 384 2.08 -18.33 22.36
CA GLY B 384 1.93 -19.18 21.17
C GLY B 384 1.80 -18.47 19.84
N1 PLP C . 11.18 -10.06 -6.81
C2 PLP C . 10.75 -10.56 -5.65
C2A PLP C . 11.14 -9.80 -4.35
C3 PLP C . 9.95 -11.73 -5.63
O3 PLP C . 9.54 -12.24 -4.41
C4 PLP C . 9.65 -12.36 -6.86
C4A PLP C . 8.78 -13.63 -6.99
C5 PLP C . 10.12 -11.80 -8.04
C6 PLP C . 10.87 -10.64 -7.94
C5A PLP C . 9.88 -12.36 -9.44
O4P PLP C . 8.48 -12.41 -9.91
P PLP C . 8.15 -13.77 -10.76
O1P PLP C . 8.45 -14.99 -9.92
O2P PLP C . 9.18 -13.82 -12.07
O3P PLP C . 6.72 -13.60 -11.42
N OAS D . 9.33 -14.57 -5.64
CA OAS D . 8.76 -15.91 -5.69
CB OAS D . 9.64 -16.80 -6.59
OG OAS D . 11.03 -16.86 -6.10
C OAS D . 8.73 -16.39 -4.25
O OAS D . 8.84 -17.57 -4.03
C2A OAS D . 13.33 -17.66 -6.79
C1A OAS D . 11.85 -17.36 -7.11
OAC OAS D . 11.47 -17.52 -8.26
OXT OAS D . 8.60 -15.52 -3.41
C1 MPD E . -4.40 -0.80 -3.50
C2 MPD E . -4.75 0.27 -4.56
O2 MPD E . -4.09 -0.23 -5.76
CM MPD E . -6.31 0.36 -4.73
C3 MPD E . -3.98 1.57 -4.55
C4 MPD E . -4.08 2.60 -3.43
O4 MPD E . -3.20 2.25 -2.35
C5 MPD E . -3.56 3.89 -4.06
N1 PLP F . 1.41 4.03 16.08
C2 PLP F . 2.63 4.17 15.51
C2A PLP F . 3.37 2.90 15.05
C3 PLP F . 3.14 5.45 15.33
O3 PLP F . 4.36 5.60 14.74
C4 PLP F . 2.38 6.54 15.79
C4A PLP F . 2.83 7.98 15.63
C5 PLP F . 1.14 6.34 16.37
C6 PLP F . 0.69 5.04 16.49
C5A PLP F . 0.24 7.44 16.90
O4P PLP F . -0.05 8.45 15.92
P PLP F . -0.28 9.96 16.51
O1P PLP F . -0.81 10.00 17.87
O2P PLP F . -1.38 10.78 15.51
O3P PLP F . 1.13 10.55 16.28
N OAS G . 4.60 7.92 15.97
CA OAS G . 5.24 9.21 16.09
CB OAS G . 5.25 9.74 17.58
OG OAS G . 5.85 8.84 18.56
C OAS G . 6.60 9.01 15.46
O OAS G . 6.60 8.45 14.36
C2A OAS G . 4.27 9.98 20.08
C1A OAS G . 5.44 9.03 19.90
OAC OAS G . 5.93 8.54 20.92
OXT OAS G . 7.61 9.35 16.11
#